data_9MGM
#
_entry.id   9MGM
#
_cell.length_a   100.330
_cell.length_b   137.120
_cell.length_c   178.590
_cell.angle_alpha   90.000
_cell.angle_beta   90.000
_cell.angle_gamma   90.000
#
_symmetry.space_group_name_H-M   'I 2 2 2'
#
loop_
_entity.id
_entity.type
_entity.pdbx_description
1 polymer 'Protein arginine N-methyltransferase 5'
2 polymer 'Methylosome protein 50'
3 non-polymer "5'-DEOXY-5'-METHYLTHIOADENOSINE"
4 non-polymer 2-(cyclobutylamino)-N-[(2S)-2-hydroxy-3-{6-[(1-methyl-1H-pyrazol-5-yl)methoxy]-3,4-dihydroisoquinolin-2(1H)-yl}propyl]pyridine-4-carboxamide
5 non-polymer 'SULFATE ION'
6 water water
#
loop_
_entity_poly.entity_id
_entity_poly.type
_entity_poly.pdbx_seq_one_letter_code
_entity_poly.pdbx_strand_id
1 'polypeptide(L)'
;MDYKDDDDKAAMAVGGAGGSRVSSGRDLNCVPEIADTLGAVAKQGFDFLCMPVFHPRFKREFIQEPAKNRPGPQTRSDLL
LSGRDWNTLIVGKLSPWIRPDSKVEKIRRNSEAAMLQELNFGAYLGLPAFLLPLNQEDNTNLARVLTNHIHTGHHSSMFW
MRVPLVAPEDLRDDIIENAPTTHTEEYSGEEKTWMWWHNFRTLCDYSKRIAVALEIGADLPSNHVIDRWLGEPIKAAILP
TSIFLTNKKGFPVLSKMHQRLIFRLLKLEVQFIITGTNHHSEKEFCSYLQYLEYLSQNRPPPNAYELFAKGYEDYLQSPL
QPLMDNLESQTYEVFEKDPIKYSQYQQAIYKCLLDRVPEEEKDTNVQVLMVLGAGRGPLVNASLRAAKQADRRIKLYAVE
KNPNAVVTLENWQFEEWGSQVTVVSSDMREWVAPEKADIIVSELLGSFADNELSPECLDGAQHFLKDDGVSIPGEYTSFL
APISSSKLYNEVRACREKDRDPEAQFEMPYVVRLHNFHQLSAPQPCFTFSHPNRDPMIDNNRYCTLEFPVEVNTVLHGFA
GYFETVLYQDITLSIRPETHSPGMFSWFPILFPIKQPITVREGQTICVRFWRCSNSKKVWYEWAVTAPVCSAIHNPTGRS
YTIGL
;
A
2 'polypeptide(L)'
;MHHHHHHHHRKETPPPLVPPAAREWNLPPNAPACMERQLEAARYRSDGALLLGASSLSGRCWAGSLWLFKDPCAAPNEGF
CSAGVQTEAGVADLTWVGERGILVASDSGAVELWELDENETLIVSKFCKYEHDDIVSTVSVLSSGTQAVSGSKDICIKVW
DLAQQVVLSSYRAHAAQVTCVAASPHKDSVFLSCSEDNRILLWDTRCPKPASQIGCSAPGYLPTSLAWHPQQSEVFVFGD
ENGTVSLVDTKSTSCVLSSAVHSQCVTGLVFSPHSVPFLASLSEDCSLAVLDSSLSELFRSQAHRDFVRDATWSPLNHSL
LTTVGWDHQVVHHVVPTEPLPAPGPASVTE
;
B
#
# COMPACT_ATOMS: atom_id res chain seq x y z
N ARG A 21 -14.88 9.81 11.16
CA ARG A 21 -15.30 8.93 10.08
C ARG A 21 -14.10 8.20 9.47
N VAL A 22 -14.33 6.96 9.05
CA VAL A 22 -13.30 6.14 8.42
C VAL A 22 -13.80 5.72 7.04
N SER A 23 -13.00 5.97 6.01
CA SER A 23 -13.27 5.46 4.68
C SER A 23 -12.79 4.01 4.62
N SER A 24 -13.73 3.08 4.64
CA SER A 24 -13.42 1.66 4.76
C SER A 24 -14.10 0.86 3.68
N GLY A 25 -13.40 -0.15 3.18
CA GLY A 25 -13.93 -1.05 2.16
C GLY A 25 -13.86 -2.51 2.54
N ARG A 26 -14.63 -3.34 1.86
CA ARG A 26 -14.66 -4.77 2.08
C ARG A 26 -14.03 -5.47 0.89
N ASP A 27 -13.04 -6.32 1.15
CA ASP A 27 -12.40 -7.11 0.12
C ASP A 27 -13.10 -8.47 0.03
N LEU A 28 -13.41 -8.90 -1.18
CA LEU A 28 -14.05 -10.18 -1.42
C LEU A 28 -13.48 -10.80 -2.69
N ASN A 29 -13.45 -12.13 -2.71
CA ASN A 29 -13.08 -12.87 -3.90
C ASN A 29 -14.21 -13.74 -4.43
N CYS A 30 -15.40 -13.65 -3.85
CA CYS A 30 -16.55 -14.44 -4.26
C CYS A 30 -17.78 -13.54 -4.25
N VAL A 31 -18.29 -13.22 -5.43
CA VAL A 31 -19.48 -12.37 -5.57
C VAL A 31 -20.47 -13.07 -6.47
N PRO A 32 -21.42 -13.84 -5.93
CA PRO A 32 -22.41 -14.52 -6.78
C PRO A 32 -23.36 -13.54 -7.46
N GLU A 33 -23.92 -12.62 -6.68
CA GLU A 33 -24.82 -11.59 -7.19
C GLU A 33 -24.30 -10.24 -6.74
N ILE A 34 -23.92 -9.39 -7.71
CA ILE A 34 -23.28 -8.12 -7.38
C ILE A 34 -24.26 -7.20 -6.65
N ALA A 35 -25.53 -7.22 -7.03
CA ALA A 35 -26.53 -6.41 -6.34
C ALA A 35 -26.69 -6.87 -4.90
N ASP A 36 -26.91 -8.17 -4.69
CA ASP A 36 -27.04 -8.72 -3.34
C ASP A 36 -25.81 -8.44 -2.50
N THR A 37 -24.63 -8.73 -3.05
CA THR A 37 -23.39 -8.57 -2.30
C THR A 37 -23.14 -7.12 -1.94
N LEU A 38 -23.32 -6.20 -2.89
CA LEU A 38 -23.10 -4.79 -2.61
C LEU A 38 -24.09 -4.28 -1.58
N GLY A 39 -25.36 -4.67 -1.70
CA GLY A 39 -26.34 -4.28 -0.69
C GLY A 39 -25.98 -4.79 0.69
N ALA A 40 -25.51 -6.03 0.77
CA ALA A 40 -25.14 -6.59 2.07
C ALA A 40 -23.96 -5.85 2.69
N VAL A 41 -22.89 -5.66 1.90
CA VAL A 41 -21.71 -5.02 2.46
C VAL A 41 -21.95 -3.55 2.73
N ALA A 42 -22.93 -2.93 2.05
CA ALA A 42 -23.27 -1.55 2.36
C ALA A 42 -24.12 -1.46 3.63
N LYS A 43 -25.02 -2.43 3.83
CA LYS A 43 -25.76 -2.53 5.08
C LYS A 43 -24.83 -2.77 6.25
N GLN A 44 -23.70 -3.45 6.02
CA GLN A 44 -22.71 -3.61 7.06
C GLN A 44 -22.00 -2.30 7.41
N GLY A 45 -22.02 -1.33 6.50
CA GLY A 45 -21.46 -0.02 6.77
C GLY A 45 -20.22 0.35 5.99
N PHE A 46 -19.78 -0.50 5.04
CA PHE A 46 -18.60 -0.18 4.26
C PHE A 46 -18.90 0.88 3.22
N ASP A 47 -17.83 1.56 2.77
CA ASP A 47 -17.95 2.64 1.82
C ASP A 47 -17.68 2.22 0.38
N PHE A 48 -16.92 1.14 0.17
CA PHE A 48 -16.68 0.62 -1.16
C PHE A 48 -16.42 -0.89 -1.05
N LEU A 49 -16.37 -1.54 -2.21
CA LEU A 49 -16.22 -2.99 -2.29
C LEU A 49 -15.11 -3.32 -3.27
N CYS A 50 -14.12 -4.08 -2.81
CA CYS A 50 -13.04 -4.56 -3.66
C CYS A 50 -13.43 -5.95 -4.17
N MET A 51 -13.64 -6.06 -5.48
CA MET A 51 -14.11 -7.32 -6.04
C MET A 51 -13.43 -7.61 -7.38
N PRO A 52 -13.54 -8.84 -7.89
CA PRO A 52 -12.99 -9.13 -9.22
C PRO A 52 -13.98 -8.79 -10.34
N VAL A 53 -13.45 -8.20 -11.41
CA VAL A 53 -14.29 -7.86 -12.55
C VAL A 53 -14.52 -9.07 -13.47
N PHE A 54 -13.61 -10.04 -13.45
CA PHE A 54 -13.82 -11.35 -14.04
C PHE A 54 -13.80 -12.38 -12.91
N HIS A 55 -14.44 -13.52 -13.14
CA HIS A 55 -14.41 -14.58 -12.14
C HIS A 55 -12.96 -15.01 -11.92
N PRO A 56 -12.47 -14.96 -10.68
CA PRO A 56 -11.04 -15.21 -10.46
C PRO A 56 -10.56 -16.58 -10.90
N ARG A 57 -11.45 -17.57 -10.96
CA ARG A 57 -11.09 -18.91 -11.44
C ARG A 57 -11.29 -19.08 -12.94
N PHE A 58 -11.80 -18.04 -13.64
CA PHE A 58 -12.14 -18.16 -15.06
C PHE A 58 -10.93 -17.77 -15.90
N LYS A 59 -10.03 -18.75 -16.09
CA LYS A 59 -8.87 -18.53 -16.92
C LYS A 59 -9.26 -18.53 -18.38
N ARG A 60 -8.60 -17.67 -19.17
CA ARG A 60 -8.95 -17.47 -20.56
C ARG A 60 -7.73 -17.64 -21.46
N GLU A 61 -7.94 -18.26 -22.61
CA GLU A 61 -6.88 -18.49 -23.59
C GLU A 61 -7.00 -17.48 -24.72
N PHE A 62 -5.84 -17.01 -25.21
CA PHE A 62 -5.80 -15.98 -26.23
C PHE A 62 -5.05 -16.38 -27.49
N ILE A 63 -4.31 -17.47 -27.49
CA ILE A 63 -3.45 -17.80 -28.61
C ILE A 63 -3.94 -19.05 -29.34
N GLN A 64 -3.83 -20.21 -28.70
CA GLN A 64 -4.07 -21.46 -29.38
C GLN A 64 -5.52 -21.92 -29.21
N GLU A 65 -6.03 -22.58 -30.24
CA GLU A 65 -7.37 -23.13 -30.26
C GLU A 65 -7.40 -24.50 -29.59
N PRO A 66 -8.59 -24.99 -29.19
CA PRO A 66 -9.94 -24.42 -29.32
C PRO A 66 -10.32 -23.44 -28.21
N ALA A 67 -9.62 -23.45 -27.08
CA ALA A 67 -9.97 -22.55 -25.98
C ALA A 67 -9.85 -21.09 -26.37
N LYS A 68 -9.17 -20.79 -27.47
CA LYS A 68 -9.09 -19.41 -27.95
C LYS A 68 -10.46 -18.85 -28.28
N ASN A 69 -11.35 -19.68 -28.82
CA ASN A 69 -12.66 -19.25 -29.30
C ASN A 69 -13.79 -19.64 -28.36
N ARG A 70 -13.56 -19.52 -27.05
CA ARG A 70 -14.59 -19.82 -26.08
C ARG A 70 -15.74 -18.82 -26.21
N PRO A 71 -16.96 -19.26 -26.44
CA PRO A 71 -18.07 -18.32 -26.60
C PRO A 71 -18.33 -17.54 -25.31
N GLY A 72 -18.68 -16.26 -25.48
CA GLY A 72 -18.90 -15.38 -24.36
C GLY A 72 -20.25 -15.59 -23.71
N PRO A 73 -20.64 -14.69 -22.79
CA PRO A 73 -19.91 -13.47 -22.36
C PRO A 73 -18.69 -13.79 -21.49
N GLN A 74 -17.65 -12.96 -21.59
CA GLN A 74 -16.42 -13.20 -20.83
C GLN A 74 -16.56 -12.87 -19.35
N THR A 75 -17.46 -11.96 -18.99
CA THR A 75 -17.69 -11.62 -17.59
C THR A 75 -19.13 -11.13 -17.45
N ARG A 76 -19.46 -10.59 -16.27
CA ARG A 76 -20.79 -10.07 -16.05
C ARG A 76 -20.96 -8.71 -16.73
N SER A 77 -22.21 -8.29 -16.89
CA SER A 77 -22.54 -7.11 -17.67
C SER A 77 -22.37 -5.83 -16.85
N ASP A 78 -21.93 -4.77 -17.53
CA ASP A 78 -21.81 -3.47 -16.90
C ASP A 78 -23.16 -2.87 -16.53
N LEU A 79 -24.25 -3.39 -17.11
CA LEU A 79 -25.58 -2.88 -16.82
C LEU A 79 -26.09 -3.29 -15.44
N LEU A 80 -25.41 -4.20 -14.75
CA LEU A 80 -25.85 -4.63 -13.43
C LEU A 80 -25.72 -3.52 -12.38
N LEU A 81 -24.90 -2.51 -12.63
CA LEU A 81 -24.80 -1.35 -11.77
C LEU A 81 -24.93 -0.09 -12.61
N SER A 82 -25.21 1.03 -11.93
CA SER A 82 -25.25 2.31 -12.61
C SER A 82 -23.83 2.87 -12.75
N GLY A 83 -23.69 3.89 -13.60
CA GLY A 83 -22.40 4.50 -13.80
C GLY A 83 -21.83 5.09 -12.53
N ARG A 84 -22.68 5.71 -11.71
CA ARG A 84 -22.22 6.30 -10.46
C ARG A 84 -21.79 5.22 -9.47
N ASP A 85 -22.52 4.10 -9.42
CA ASP A 85 -22.12 3.00 -8.54
C ASP A 85 -20.78 2.43 -8.97
N TRP A 86 -20.59 2.21 -10.27
CA TRP A 86 -19.29 1.75 -10.76
C TRP A 86 -18.19 2.74 -10.42
N ASN A 87 -18.48 4.04 -10.52
CA ASN A 87 -17.45 5.06 -10.33
C ASN A 87 -17.11 5.31 -8.87
N THR A 88 -18.01 5.00 -7.94
CA THR A 88 -17.78 5.34 -6.54
C THR A 88 -17.69 4.15 -5.58
N LEU A 89 -18.21 2.98 -5.94
CA LEU A 89 -18.33 1.89 -4.97
C LEU A 89 -17.52 0.64 -5.28
N ILE A 90 -16.95 0.52 -6.48
CA ILE A 90 -16.29 -0.71 -6.91
C ILE A 90 -14.80 -0.45 -7.11
N VAL A 91 -13.98 -1.29 -6.47
CA VAL A 91 -12.55 -1.37 -6.74
C VAL A 91 -12.29 -2.69 -7.45
N GLY A 92 -11.57 -2.62 -8.57
CA GLY A 92 -11.26 -3.83 -9.31
C GLY A 92 -10.08 -4.58 -8.72
N LYS A 93 -10.12 -5.90 -8.88
CA LYS A 93 -9.02 -6.76 -8.46
C LYS A 93 -8.55 -7.59 -9.64
N LEU A 94 -7.25 -7.53 -9.92
CA LEU A 94 -6.67 -8.36 -10.98
C LEU A 94 -6.84 -9.83 -10.61
N SER A 95 -7.18 -10.64 -11.61
CA SER A 95 -7.41 -12.06 -11.37
C SER A 95 -6.12 -12.71 -10.86
N PRO A 96 -6.21 -13.63 -9.89
CA PRO A 96 -4.99 -14.17 -9.28
C PRO A 96 -4.18 -15.06 -10.21
N TRP A 97 -4.79 -15.67 -11.22
CA TRP A 97 -4.05 -16.53 -12.14
C TRP A 97 -3.21 -15.75 -13.14
N ILE A 98 -3.34 -14.43 -13.18
CA ILE A 98 -2.60 -13.60 -14.13
C ILE A 98 -1.19 -13.39 -13.57
N ARG A 99 -0.19 -13.94 -14.26
CA ARG A 99 1.20 -13.88 -13.83
C ARG A 99 2.06 -13.45 -15.02
N PRO A 100 2.22 -12.14 -15.23
CA PRO A 100 3.01 -11.69 -16.38
C PRO A 100 4.49 -12.00 -16.28
N ASP A 101 5.01 -12.20 -15.07
CA ASP A 101 6.41 -12.52 -14.86
C ASP A 101 6.64 -14.02 -14.63
N SER A 102 5.70 -14.85 -15.04
CA SER A 102 5.92 -16.29 -15.05
C SER A 102 7.13 -16.64 -15.91
N LYS A 103 7.66 -17.83 -15.70
CA LYS A 103 8.79 -18.29 -16.49
C LYS A 103 8.38 -19.17 -17.67
N VAL A 104 7.10 -19.50 -17.79
CA VAL A 104 6.57 -20.16 -18.96
C VAL A 104 6.12 -19.09 -19.95
N GLU A 105 6.60 -19.17 -21.19
CA GLU A 105 6.32 -18.13 -22.17
C GLU A 105 4.83 -18.08 -22.52
N LYS A 106 4.20 -19.24 -22.66
CA LYS A 106 2.76 -19.27 -22.89
C LYS A 106 2.00 -18.54 -21.80
N ILE A 107 2.35 -18.82 -20.54
CA ILE A 107 1.68 -18.17 -19.42
C ILE A 107 1.97 -16.69 -19.41
N ARG A 108 3.19 -16.31 -19.81
CA ARG A 108 3.53 -14.88 -19.89
C ARG A 108 2.65 -14.16 -20.91
N ARG A 109 2.52 -14.73 -22.11
CA ARG A 109 1.72 -14.07 -23.14
C ARG A 109 0.24 -14.03 -22.75
N ASN A 110 -0.29 -15.14 -22.24
CA ASN A 110 -1.69 -15.15 -21.84
C ASN A 110 -1.95 -14.17 -20.72
N SER A 111 -1.01 -14.05 -19.78
CA SER A 111 -1.17 -13.13 -18.66
C SER A 111 -1.05 -11.68 -19.12
N GLU A 112 -0.17 -11.40 -20.09
CA GLU A 112 -0.12 -10.06 -20.66
C GLU A 112 -1.45 -9.69 -21.30
N ALA A 113 -1.97 -10.57 -22.14
CA ALA A 113 -3.24 -10.30 -22.82
C ALA A 113 -4.36 -10.13 -21.80
N ALA A 114 -4.41 -11.00 -20.79
CA ALA A 114 -5.51 -10.95 -19.83
C ALA A 114 -5.40 -9.75 -18.91
N MET A 115 -4.17 -9.34 -18.58
CA MET A 115 -3.98 -8.16 -17.75
C MET A 115 -4.40 -6.90 -18.51
N LEU A 116 -4.00 -6.78 -19.77
CA LEU A 116 -4.49 -5.67 -20.59
C LEU A 116 -6.01 -5.68 -20.68
N GLN A 117 -6.60 -6.87 -20.87
CA GLN A 117 -8.06 -6.99 -20.99
C GLN A 117 -8.75 -6.52 -19.71
N GLU A 118 -8.28 -6.97 -18.55
CA GLU A 118 -8.93 -6.64 -17.30
C GLU A 118 -8.73 -5.17 -16.94
N LEU A 119 -7.54 -4.62 -17.21
CA LEU A 119 -7.33 -3.20 -16.98
C LEU A 119 -8.21 -2.35 -17.90
N ASN A 120 -8.37 -2.78 -19.16
CA ASN A 120 -9.22 -2.03 -20.07
C ASN A 120 -10.68 -2.13 -19.65
N PHE A 121 -11.10 -3.27 -19.11
CA PHE A 121 -12.47 -3.39 -18.61
C PHE A 121 -12.68 -2.52 -17.38
N GLY A 122 -11.67 -2.45 -16.50
CA GLY A 122 -11.76 -1.55 -15.35
C GLY A 122 -11.86 -0.09 -15.77
N ALA A 123 -11.10 0.29 -16.80
CA ALA A 123 -11.21 1.65 -17.33
C ALA A 123 -12.58 1.88 -17.98
N TYR A 124 -13.10 0.87 -18.67
CA TYR A 124 -14.43 0.96 -19.26
C TYR A 124 -15.49 1.20 -18.19
N LEU A 125 -15.40 0.48 -17.07
CA LEU A 125 -16.34 0.68 -15.98
C LEU A 125 -16.13 1.99 -15.24
N GLY A 126 -15.03 2.71 -15.50
CA GLY A 126 -14.73 3.91 -14.75
C GLY A 126 -14.40 3.66 -13.30
N LEU A 127 -13.76 2.55 -13.00
CA LEU A 127 -13.46 2.20 -11.61
C LEU A 127 -12.49 3.21 -11.02
N PRO A 128 -12.72 3.70 -9.80
CA PRO A 128 -11.79 4.66 -9.21
C PRO A 128 -10.43 4.09 -8.91
N ALA A 129 -10.34 2.80 -8.56
CA ALA A 129 -9.06 2.19 -8.24
C ALA A 129 -9.08 0.73 -8.68
N PHE A 130 -7.89 0.22 -9.00
CA PHE A 130 -7.71 -1.17 -9.41
C PHE A 130 -6.57 -1.78 -8.61
N LEU A 131 -6.75 -3.03 -8.17
CA LEU A 131 -5.81 -3.70 -7.28
C LEU A 131 -4.96 -4.70 -8.04
N LEU A 132 -3.64 -4.58 -7.89
CA LEU A 132 -2.68 -5.50 -8.46
C LEU A 132 -1.70 -5.93 -7.37
N PRO A 133 -1.30 -7.20 -7.34
CA PRO A 133 -0.45 -7.69 -6.26
C PRO A 133 1.04 -7.63 -6.57
N LEU A 134 1.81 -7.35 -5.52
CA LEU A 134 3.26 -7.51 -5.51
C LEU A 134 3.57 -8.60 -4.50
N ASN A 135 3.71 -9.85 -4.97
CA ASN A 135 3.90 -10.99 -4.08
C ASN A 135 5.17 -11.76 -4.42
N GLN A 136 6.08 -11.16 -5.19
CA GLN A 136 7.37 -11.77 -5.49
C GLN A 136 8.36 -10.66 -5.83
N GLU A 137 9.62 -11.05 -6.03
CA GLU A 137 10.67 -10.06 -6.23
C GLU A 137 10.63 -9.48 -7.64
N ASP A 138 10.41 -10.31 -8.65
CA ASP A 138 10.49 -9.90 -10.05
C ASP A 138 9.09 -9.58 -10.57
N ASN A 139 8.81 -8.30 -10.74
CA ASN A 139 7.56 -7.82 -11.33
C ASN A 139 7.86 -6.88 -12.49
N THR A 140 8.88 -7.22 -13.29
CA THR A 140 9.32 -6.34 -14.37
C THR A 140 8.29 -6.28 -15.49
N ASN A 141 7.83 -7.44 -15.95
CA ASN A 141 6.85 -7.44 -17.04
C ASN A 141 5.50 -6.91 -16.59
N LEU A 142 5.13 -7.15 -15.33
CA LEU A 142 3.94 -6.52 -14.76
C LEU A 142 4.03 -5.00 -14.85
N ALA A 143 5.19 -4.44 -14.50
CA ALA A 143 5.38 -3.00 -14.60
C ALA A 143 5.36 -2.53 -16.04
N ARG A 144 5.93 -3.31 -16.96
CA ARG A 144 5.89 -2.96 -18.38
C ARG A 144 4.45 -2.85 -18.86
N VAL A 145 3.63 -3.87 -18.56
CA VAL A 145 2.25 -3.87 -19.02
C VAL A 145 1.47 -2.74 -18.37
N LEU A 146 1.72 -2.48 -17.07
CA LEU A 146 0.98 -1.41 -16.40
C LEU A 146 1.36 -0.05 -16.95
N THR A 147 2.65 0.18 -17.21
CA THR A 147 3.06 1.45 -17.77
C THR A 147 2.48 1.65 -19.17
N ASN A 148 2.46 0.60 -20.00
CA ASN A 148 1.87 0.73 -21.32
C ASN A 148 0.38 1.01 -21.23
N HIS A 149 -0.32 0.38 -20.28
CA HIS A 149 -1.73 0.68 -20.08
C HIS A 149 -1.92 2.13 -19.64
N ILE A 150 -1.05 2.63 -18.78
CA ILE A 150 -1.17 4.00 -18.30
C ILE A 150 -0.98 4.98 -19.46
N HIS A 151 -0.07 4.67 -20.39
CA HIS A 151 0.17 5.52 -21.53
C HIS A 151 -0.69 5.17 -22.74
N THR A 152 -1.86 4.58 -22.53
CA THR A 152 -2.76 4.18 -23.62
C THR A 152 -4.17 4.62 -23.28
N GLY A 153 -4.77 5.43 -24.15
CA GLY A 153 -6.11 5.90 -23.89
C GLY A 153 -6.13 7.00 -22.85
N HIS A 154 -7.35 7.42 -22.51
CA HIS A 154 -7.59 8.48 -21.54
C HIS A 154 -8.44 7.92 -20.41
N HIS A 155 -7.78 7.50 -19.34
CA HIS A 155 -8.46 6.97 -18.15
C HIS A 155 -7.79 7.55 -16.92
N SER A 156 -8.54 7.59 -15.81
CA SER A 156 -8.08 8.24 -14.59
C SER A 156 -8.20 7.32 -13.39
N SER A 157 -8.02 6.02 -13.59
CA SER A 157 -8.12 5.06 -12.51
C SER A 157 -6.81 4.97 -11.73
N MET A 158 -6.92 4.91 -10.40
CA MET A 158 -5.75 4.68 -9.57
C MET A 158 -5.41 3.19 -9.56
N PHE A 159 -4.14 2.90 -9.30
CA PHE A 159 -3.64 1.53 -9.30
C PHE A 159 -3.00 1.25 -7.94
N TRP A 160 -3.65 0.39 -7.14
CA TRP A 160 -3.20 0.04 -5.80
C TRP A 160 -2.38 -1.23 -5.87
N MET A 161 -1.07 -1.12 -5.66
CA MET A 161 -0.20 -2.28 -5.59
C MET A 161 -0.33 -2.89 -4.20
N ARG A 162 -0.89 -4.10 -4.13
CA ARG A 162 -1.08 -4.80 -2.87
C ARG A 162 0.24 -5.43 -2.44
N VAL A 163 0.82 -4.92 -1.36
CA VAL A 163 2.14 -5.38 -0.91
C VAL A 163 2.11 -5.57 0.59
N PRO A 164 2.61 -6.69 1.11
CA PRO A 164 2.56 -6.96 2.54
C PRO A 164 3.75 -6.37 3.30
N LEU A 165 3.52 -6.14 4.60
CA LEU A 165 4.62 -5.78 5.49
C LEU A 165 5.67 -6.88 5.54
N VAL A 166 5.23 -8.13 5.64
CA VAL A 166 6.11 -9.29 5.67
C VAL A 166 5.70 -10.23 4.55
N ALA A 167 6.66 -10.66 3.74
CA ALA A 167 6.38 -11.57 2.65
C ALA A 167 5.86 -12.90 3.20
N PRO A 168 5.00 -13.60 2.46
CA PRO A 168 4.47 -14.87 2.95
C PRO A 168 5.54 -15.93 3.18
N GLU A 169 6.65 -15.88 2.44
CA GLU A 169 7.73 -16.82 2.69
C GLU A 169 8.36 -16.61 4.06
N ASP A 170 8.38 -15.37 4.54
CA ASP A 170 8.90 -15.05 5.86
C ASP A 170 7.83 -15.09 6.95
N LEU A 171 6.62 -15.51 6.60
CA LEU A 171 5.53 -15.68 7.56
C LEU A 171 5.14 -17.13 7.74
N ARG A 172 5.65 -18.04 6.91
CA ARG A 172 5.21 -19.43 6.92
C ARG A 172 5.53 -20.09 8.26
N ASP A 173 4.70 -21.07 8.61
CA ASP A 173 4.95 -21.85 9.82
C ASP A 173 6.24 -22.65 9.68
N ASP A 174 6.91 -22.86 10.82
CA ASP A 174 8.14 -23.64 10.85
C ASP A 174 7.81 -25.12 11.03
N ILE A 175 7.11 -25.66 10.04
CA ILE A 175 6.60 -27.03 10.08
C ILE A 175 7.17 -27.88 8.94
N ILE A 176 8.17 -27.37 8.22
CA ILE A 176 8.82 -28.12 7.15
C ILE A 176 10.13 -28.65 7.72
N GLU A 177 10.24 -29.98 7.82
CA GLU A 177 11.36 -30.60 8.51
C GLU A 177 12.68 -30.31 7.82
N ASN A 178 12.75 -30.54 6.50
CA ASN A 178 13.99 -30.39 5.76
C ASN A 178 14.13 -29.01 5.11
N ALA A 179 13.39 -28.02 5.59
CA ALA A 179 13.53 -26.63 5.13
C ALA A 179 13.11 -25.70 6.25
N PRO A 180 13.92 -25.59 7.30
CA PRO A 180 13.54 -24.74 8.44
C PRO A 180 13.68 -23.26 8.10
N THR A 181 12.96 -22.45 8.86
CA THR A 181 13.03 -21.00 8.70
C THR A 181 14.30 -20.48 9.37
N THR A 182 14.96 -19.53 8.70
CA THR A 182 16.19 -18.94 9.22
C THR A 182 15.84 -18.04 10.41
N HIS A 183 16.13 -18.53 11.61
CA HIS A 183 15.86 -17.76 12.82
C HIS A 183 16.84 -16.62 13.02
N THR A 184 17.92 -16.59 12.26
CA THR A 184 18.85 -15.46 12.33
C THR A 184 18.22 -14.24 11.65
N GLU A 185 18.57 -13.07 12.16
CA GLU A 185 17.98 -11.81 11.70
C GLU A 185 18.77 -11.26 10.52
N GLU A 186 18.05 -10.79 9.51
CA GLU A 186 18.62 -10.08 8.38
C GLU A 186 17.96 -8.71 8.29
N TYR A 187 18.76 -7.65 8.40
CA TYR A 187 18.21 -6.30 8.43
C TYR A 187 17.55 -5.96 7.10
N SER A 188 18.29 -6.12 6.00
CA SER A 188 17.75 -5.80 4.68
C SER A 188 16.80 -6.88 4.17
N GLY A 189 16.98 -8.13 4.60
CA GLY A 189 16.10 -9.19 4.15
C GLY A 189 14.66 -8.97 4.58
N GLU A 190 14.46 -8.64 5.86
CA GLU A 190 13.13 -8.36 6.36
C GLU A 190 12.55 -7.06 5.80
N GLU A 191 13.33 -6.31 5.01
CA GLU A 191 12.85 -5.15 4.29
C GLU A 191 12.50 -5.48 2.84
N LYS A 192 12.66 -6.74 2.41
CA LYS A 192 12.63 -7.07 1.00
C LYS A 192 11.35 -6.59 0.32
N THR A 193 10.22 -6.64 1.03
CA THR A 193 8.95 -6.24 0.43
C THR A 193 9.00 -4.79 -0.05
N TRP A 194 9.59 -3.90 0.75
CA TRP A 194 9.72 -2.51 0.32
C TRP A 194 10.49 -2.43 -1.00
N MET A 195 11.55 -3.22 -1.13
N MET A 195 11.57 -3.21 -1.11
CA MET A 195 12.29 -3.23 -2.38
CA MET A 195 12.30 -3.28 -2.37
C MET A 195 11.37 -3.65 -3.54
C MET A 195 11.39 -3.66 -3.52
N TRP A 196 10.53 -4.66 -3.30
CA TRP A 196 9.54 -5.06 -4.30
C TRP A 196 8.74 -3.86 -4.78
N TRP A 197 8.30 -3.02 -3.84
CA TRP A 197 7.61 -1.79 -4.22
C TRP A 197 8.57 -0.84 -4.90
N HIS A 198 9.75 -0.62 -4.31
CA HIS A 198 10.62 0.46 -4.77
C HIS A 198 11.04 0.24 -6.22
N ASN A 199 11.38 -1.00 -6.57
CA ASN A 199 11.73 -1.30 -7.95
C ASN A 199 10.54 -1.07 -8.87
N PHE A 200 9.36 -1.55 -8.45
CA PHE A 200 8.18 -1.47 -9.30
C PHE A 200 7.88 -0.03 -9.67
N ARG A 201 7.65 0.83 -8.66
CA ARG A 201 7.41 2.24 -8.93
C ARG A 201 8.58 2.91 -9.62
N THR A 202 9.79 2.34 -9.51
CA THR A 202 10.92 2.90 -10.24
C THR A 202 10.83 2.54 -11.71
N LEU A 203 10.40 1.31 -12.02
CA LEU A 203 10.22 0.92 -13.42
C LEU A 203 9.11 1.75 -14.07
N CYS A 204 8.10 2.13 -13.30
CA CYS A 204 6.98 2.92 -13.81
C CYS A 204 7.24 4.42 -13.71
N ASP A 205 8.45 4.82 -13.33
CA ASP A 205 8.88 6.22 -13.37
C ASP A 205 8.05 7.10 -12.46
N TYR A 206 7.75 6.59 -11.25
CA TYR A 206 7.06 7.35 -10.21
C TYR A 206 5.72 7.90 -10.71
N SER A 207 4.94 7.04 -11.37
CA SER A 207 3.63 7.45 -11.85
C SER A 207 2.73 7.85 -10.69
N LYS A 208 2.11 9.03 -10.80
CA LYS A 208 1.25 9.52 -9.73
C LYS A 208 -0.01 8.67 -9.55
N ARG A 209 -0.30 7.78 -10.50
CA ARG A 209 -1.48 6.92 -10.43
C ARG A 209 -1.18 5.57 -9.82
N ILE A 210 0.03 5.34 -9.32
CA ILE A 210 0.45 4.06 -8.77
C ILE A 210 0.74 4.25 -7.30
N ALA A 211 -0.13 3.73 -6.45
CA ALA A 211 -0.03 3.90 -5.00
C ALA A 211 0.07 2.53 -4.32
N VAL A 212 0.23 2.55 -3.01
CA VAL A 212 0.49 1.36 -2.21
C VAL A 212 -0.77 0.99 -1.42
N ALA A 213 -1.16 -0.28 -1.50
CA ALA A 213 -2.12 -0.89 -0.58
C ALA A 213 -1.30 -1.81 0.32
N LEU A 214 -0.99 -1.31 1.51
CA LEU A 214 -0.14 -2.04 2.43
C LEU A 214 -0.96 -3.05 3.23
N GLU A 215 -0.55 -4.30 3.20
CA GLU A 215 -1.26 -5.39 3.86
C GLU A 215 -0.55 -5.77 5.15
N ILE A 216 -1.28 -5.74 6.25
CA ILE A 216 -0.72 -5.94 7.58
C ILE A 216 -0.92 -7.40 7.99
N GLY A 217 0.13 -8.02 8.52
CA GLY A 217 0.09 -9.39 8.95
C GLY A 217 -0.19 -9.54 10.44
N ALA A 218 -0.31 -10.80 10.87
CA ALA A 218 -0.58 -11.08 12.27
C ALA A 218 0.57 -10.61 13.15
N ASP A 219 1.80 -10.95 12.78
CA ASP A 219 2.98 -10.49 13.49
C ASP A 219 3.59 -9.31 12.74
N LEU A 220 3.63 -8.15 13.40
CA LEU A 220 4.28 -6.99 12.80
C LEU A 220 5.78 -7.24 12.65
N PRO A 221 6.40 -6.64 11.65
CA PRO A 221 7.86 -6.69 11.53
C PRO A 221 8.48 -5.74 12.56
N SER A 222 9.81 -5.70 12.55
CA SER A 222 10.51 -4.77 13.42
C SER A 222 10.20 -3.33 13.00
N ASN A 223 10.65 -2.38 13.83
CA ASN A 223 10.21 -1.00 13.67
C ASN A 223 10.73 -0.39 12.37
N HIS A 224 11.95 -0.75 11.95
CA HIS A 224 12.56 -0.10 10.80
C HIS A 224 11.80 -0.40 9.50
N VAL A 225 11.32 -1.64 9.36
CA VAL A 225 10.53 -2.00 8.19
C VAL A 225 9.29 -1.10 8.08
N ILE A 226 8.60 -0.93 9.20
CA ILE A 226 7.43 -0.06 9.24
C ILE A 226 7.83 1.40 9.02
N ASP A 227 9.04 1.77 9.45
CA ASP A 227 9.50 3.15 9.25
C ASP A 227 9.70 3.45 7.78
N ARG A 228 10.11 2.46 6.99
CA ARG A 228 10.32 2.68 5.56
C ARG A 228 9.04 3.18 4.89
N TRP A 229 7.89 2.65 5.29
CA TRP A 229 6.70 2.77 4.44
C TRP A 229 6.05 4.14 4.55
N LEU A 230 6.25 4.83 5.67
CA LEU A 230 5.37 5.95 5.98
C LEU A 230 5.68 7.21 5.17
N GLY A 231 6.74 7.20 4.38
CA GLY A 231 7.02 8.24 3.42
C GLY A 231 6.54 7.91 2.02
N GLU A 232 5.93 6.74 1.82
CA GLU A 232 5.48 6.22 0.54
C GLU A 232 4.02 6.56 0.29
N PRO A 233 3.59 6.58 -0.97
CA PRO A 233 2.19 6.91 -1.26
C PRO A 233 1.24 5.79 -0.89
N ILE A 234 0.95 5.63 0.40
CA ILE A 234 0.01 4.63 0.86
C ILE A 234 -1.41 5.18 0.76
N LYS A 235 -2.25 4.56 -0.07
CA LYS A 235 -3.64 4.96 -0.18
C LYS A 235 -4.59 4.01 0.54
N ALA A 236 -4.15 2.79 0.86
CA ALA A 236 -5.01 1.83 1.51
C ALA A 236 -4.19 0.97 2.46
N ALA A 237 -4.82 0.57 3.56
CA ALA A 237 -4.26 -0.37 4.52
C ALA A 237 -5.21 -1.55 4.62
N ILE A 238 -4.70 -2.75 4.38
CA ILE A 238 -5.52 -3.95 4.31
C ILE A 238 -5.35 -4.73 5.60
N LEU A 239 -6.47 -4.99 6.28
CA LEU A 239 -6.47 -5.68 7.58
C LEU A 239 -7.21 -7.01 7.47
N PRO A 240 -6.51 -8.13 7.40
CA PRO A 240 -7.20 -9.42 7.39
C PRO A 240 -7.89 -9.69 8.71
N THR A 241 -8.99 -10.43 8.65
CA THR A 241 -9.71 -10.79 9.88
C THR A 241 -8.89 -11.73 10.75
N SER A 242 -7.91 -12.42 10.19
CA SER A 242 -7.12 -13.37 10.96
C SER A 242 -6.17 -12.68 11.93
N ILE A 243 -5.92 -11.38 11.76
CA ILE A 243 -5.01 -10.67 12.66
C ILE A 243 -5.73 -10.08 13.87
N PHE A 244 -7.05 -10.20 13.94
CA PHE A 244 -7.81 -9.60 15.03
C PHE A 244 -7.88 -10.56 16.21
N LEU A 245 -7.50 -10.08 17.39
CA LEU A 245 -7.60 -10.84 18.61
C LEU A 245 -9.06 -10.85 19.09
N THR A 246 -9.29 -11.53 20.22
CA THR A 246 -10.63 -11.64 20.80
C THR A 246 -10.57 -11.19 22.25
N ASN A 247 -11.41 -10.22 22.60
CA ASN A 247 -11.41 -9.66 23.94
C ASN A 247 -12.32 -10.49 24.85
N LYS A 248 -12.62 -9.96 26.04
CA LYS A 248 -13.36 -10.74 27.03
C LYS A 248 -14.81 -10.96 26.63
N LYS A 249 -15.40 -10.02 25.88
CA LYS A 249 -16.80 -10.12 25.48
C LYS A 249 -16.98 -10.81 24.13
N GLY A 250 -15.89 -11.13 23.43
CA GLY A 250 -15.97 -11.85 22.18
C GLY A 250 -15.85 -10.99 20.94
N PHE A 251 -15.73 -9.66 21.08
CA PHE A 251 -15.61 -8.80 19.92
C PHE A 251 -14.17 -8.83 19.38
N PRO A 252 -14.01 -8.65 18.08
CA PRO A 252 -12.65 -8.60 17.51
C PRO A 252 -11.95 -7.30 17.88
N VAL A 253 -10.71 -7.43 18.36
CA VAL A 253 -9.89 -6.29 18.73
C VAL A 253 -8.50 -6.47 18.12
N LEU A 254 -7.65 -5.47 18.34
CA LEU A 254 -6.28 -5.48 17.85
C LEU A 254 -5.31 -5.35 19.02
N SER A 255 -4.07 -5.76 18.78
CA SER A 255 -3.03 -5.57 19.78
C SER A 255 -2.67 -4.08 19.88
N LYS A 256 -1.91 -3.75 20.93
CA LYS A 256 -1.54 -2.35 21.15
C LYS A 256 -0.65 -1.83 20.05
N MET A 257 0.29 -2.64 19.55
CA MET A 257 1.16 -2.21 18.48
C MET A 257 0.40 -2.04 17.17
N HIS A 258 -0.54 -2.95 16.90
CA HIS A 258 -1.41 -2.79 15.75
C HIS A 258 -2.23 -1.50 15.86
N GLN A 259 -2.67 -1.17 17.08
CA GLN A 259 -3.40 0.07 17.29
C GLN A 259 -2.52 1.28 17.01
N ARG A 260 -1.25 1.21 17.42
CA ARG A 260 -0.31 2.29 17.13
C ARG A 260 -0.12 2.49 15.63
N LEU A 261 0.04 1.38 14.90
CA LEU A 261 0.16 1.46 13.46
C LEU A 261 -1.11 2.01 12.83
N ILE A 262 -2.27 1.62 13.35
CA ILE A 262 -3.54 2.12 12.82
C ILE A 262 -3.66 3.62 13.06
N PHE A 263 -3.19 4.10 14.21
CA PHE A 263 -3.19 5.53 14.47
C PHE A 263 -2.31 6.27 13.47
N ARG A 264 -1.09 5.76 13.25
CA ARG A 264 -0.21 6.38 12.26
C ARG A 264 -0.84 6.41 10.88
N LEU A 265 -1.56 5.34 10.52
CA LEU A 265 -2.22 5.30 9.22
C LEU A 265 -3.39 6.27 9.15
N LEU A 266 -4.10 6.44 10.27
CA LEU A 266 -5.19 7.40 10.33
C LEU A 266 -4.69 8.83 10.17
N LYS A 267 -3.49 9.13 10.69
CA LYS A 267 -2.90 10.43 10.42
C LYS A 267 -2.62 10.61 8.94
N LEU A 268 -2.30 9.52 8.23
CA LEU A 268 -2.07 9.58 6.79
C LEU A 268 -3.37 9.52 5.98
N GLU A 269 -4.51 9.32 6.65
CA GLU A 269 -5.83 9.36 6.01
C GLU A 269 -5.96 8.30 4.91
N VAL A 270 -5.40 7.11 5.16
CA VAL A 270 -5.51 6.01 4.21
C VAL A 270 -6.90 5.41 4.33
N GLN A 271 -7.30 4.60 3.35
CA GLN A 271 -8.54 3.85 3.44
C GLN A 271 -8.25 2.45 3.96
N PHE A 272 -9.14 1.93 4.79
CA PHE A 272 -8.91 0.65 5.46
C PHE A 272 -9.78 -0.43 4.82
N ILE A 273 -9.13 -1.51 4.39
CA ILE A 273 -9.81 -2.59 3.69
C ILE A 273 -9.82 -3.82 4.59
N ILE A 274 -11.01 -4.35 4.85
CA ILE A 274 -11.18 -5.55 5.66
C ILE A 274 -11.35 -6.73 4.71
N THR A 275 -10.45 -7.71 4.81
CA THR A 275 -10.48 -8.90 3.96
C THR A 275 -10.60 -10.15 4.83
N GLY A 276 -10.81 -11.28 4.17
CA GLY A 276 -10.98 -12.54 4.85
C GLY A 276 -12.40 -12.77 5.32
N THR A 277 -12.64 -13.98 5.82
CA THR A 277 -13.96 -14.36 6.30
C THR A 277 -14.15 -13.95 7.76
N ASN A 278 -15.37 -14.13 8.25
CA ASN A 278 -15.72 -13.78 9.62
C ASN A 278 -15.28 -14.90 10.55
N HIS A 279 -14.22 -14.65 11.32
CA HIS A 279 -13.71 -15.63 12.26
C HIS A 279 -14.32 -15.51 13.65
N HIS A 280 -14.84 -14.33 14.00
CA HIS A 280 -15.61 -14.15 15.23
C HIS A 280 -17.08 -14.38 14.88
N SER A 281 -17.43 -15.66 14.74
CA SER A 281 -18.73 -16.07 14.20
C SER A 281 -19.87 -15.94 15.20
N GLU A 282 -19.60 -15.59 16.46
CA GLU A 282 -20.68 -15.25 17.37
C GLU A 282 -21.19 -13.83 17.11
N LYS A 283 -20.29 -12.92 16.79
CA LYS A 283 -20.64 -11.56 16.41
C LYS A 283 -20.85 -11.48 14.90
N GLU A 284 -21.42 -10.36 14.46
CA GLU A 284 -21.61 -10.14 13.03
C GLU A 284 -20.31 -9.61 12.42
N PHE A 285 -20.35 -9.32 11.11
CA PHE A 285 -19.15 -8.88 10.42
C PHE A 285 -18.88 -7.39 10.64
N CYS A 286 -19.92 -6.57 10.81
CA CYS A 286 -19.71 -5.16 11.10
C CYS A 286 -18.94 -4.91 12.40
N SER A 287 -18.58 -5.93 13.20
CA SER A 287 -17.84 -5.69 14.45
C SER A 287 -16.41 -5.25 14.20
N TYR A 288 -15.76 -5.81 13.18
CA TYR A 288 -14.41 -5.36 12.82
C TYR A 288 -14.40 -3.89 12.45
N LEU A 289 -15.31 -3.49 11.57
CA LEU A 289 -15.43 -2.09 11.18
C LEU A 289 -15.83 -1.23 12.38
N GLN A 290 -16.67 -1.76 13.27
CA GLN A 290 -17.01 -1.03 14.49
C GLN A 290 -15.78 -0.77 15.34
N TYR A 291 -14.89 -1.76 15.45
CA TYR A 291 -13.67 -1.57 16.23
C TYR A 291 -12.75 -0.54 15.57
N LEU A 292 -12.71 -0.55 14.23
CA LEU A 292 -11.93 0.48 13.52
C LEU A 292 -12.47 1.87 13.81
N GLU A 293 -13.80 2.04 13.74
CA GLU A 293 -14.40 3.33 14.06
C GLU A 293 -14.16 3.70 15.52
N TYR A 294 -14.14 2.71 16.41
CA TYR A 294 -13.84 2.95 17.82
C TYR A 294 -12.44 3.53 17.97
N LEU A 295 -11.46 2.91 17.31
CA LEU A 295 -10.10 3.44 17.34
C LEU A 295 -10.03 4.84 16.77
N SER A 296 -10.79 5.09 15.69
CA SER A 296 -10.76 6.43 15.07
C SER A 296 -11.33 7.49 16.01
N GLN A 297 -12.42 7.16 16.70
CA GLN A 297 -13.00 8.11 17.65
C GLN A 297 -12.09 8.34 18.85
N ASN A 298 -11.36 7.32 19.27
CA ASN A 298 -10.49 7.40 20.44
C ASN A 298 -9.05 7.73 20.08
N ARG A 299 -8.81 8.35 18.92
CA ARG A 299 -7.48 8.74 18.53
C ARG A 299 -7.01 9.92 19.39
N PRO A 300 -5.70 10.12 19.50
CA PRO A 300 -5.20 11.29 20.23
C PRO A 300 -5.71 12.58 19.63
N PRO A 301 -6.24 13.48 20.43
CA PRO A 301 -6.79 14.74 19.90
C PRO A 301 -5.70 15.59 19.29
N PRO A 302 -5.99 16.29 18.19
CA PRO A 302 -4.98 17.13 17.54
C PRO A 302 -4.72 18.40 18.33
N ASN A 303 -3.46 18.83 18.33
CA ASN A 303 -3.08 20.06 19.01
C ASN A 303 -3.51 21.27 18.19
N ALA A 304 -3.17 22.46 18.69
CA ALA A 304 -3.57 23.69 18.00
C ALA A 304 -2.87 23.83 16.66
N TYR A 305 -1.58 23.48 16.60
CA TYR A 305 -0.84 23.56 15.35
C TYR A 305 -1.42 22.62 14.30
N GLU A 306 -1.75 21.39 14.70
CA GLU A 306 -2.31 20.42 13.76
C GLU A 306 -3.69 20.86 13.26
N LEU A 307 -4.41 21.63 14.06
CA LEU A 307 -5.69 22.18 13.61
C LEU A 307 -5.49 23.34 12.63
N PHE A 308 -4.60 24.27 12.97
CA PHE A 308 -4.30 25.37 12.07
C PHE A 308 -3.74 24.90 10.73
N ALA A 309 -3.00 23.79 10.74
CA ALA A 309 -2.32 23.31 9.55
C ALA A 309 -3.14 22.32 8.73
N LYS A 310 -4.31 21.90 9.23
CA LYS A 310 -5.13 20.94 8.50
C LYS A 310 -5.60 21.55 7.19
N GLY A 311 -5.25 20.89 6.07
CA GLY A 311 -5.54 21.38 4.74
C GLY A 311 -4.30 21.71 3.94
N TYR A 312 -3.18 21.98 4.61
CA TYR A 312 -1.92 22.31 3.96
C TYR A 312 -0.98 21.12 3.85
N GLU A 313 -1.44 19.91 4.19
CA GLU A 313 -0.56 18.75 4.24
C GLU A 313 0.07 18.48 2.88
N ASP A 314 1.39 18.57 2.82
CA ASP A 314 2.18 18.28 1.62
C ASP A 314 1.80 19.16 0.44
N TYR A 315 1.24 20.34 0.70
CA TYR A 315 0.96 21.32 -0.35
C TYR A 315 2.20 22.17 -0.57
N LEU A 316 2.77 22.09 -1.77
CA LEU A 316 3.95 22.87 -2.09
C LEU A 316 3.59 24.32 -2.39
N GLN A 317 4.46 25.24 -1.98
CA GLN A 317 4.27 26.67 -2.21
C GLN A 317 5.57 27.24 -2.74
N SER A 318 5.49 27.88 -3.91
CA SER A 318 6.67 28.37 -4.61
C SER A 318 7.28 29.55 -3.86
N PRO A 319 8.55 29.87 -4.15
CA PRO A 319 9.19 31.01 -3.47
C PRO A 319 8.55 32.33 -3.84
N LEU A 320 8.34 33.17 -2.83
CA LEU A 320 7.81 34.51 -3.02
C LEU A 320 8.96 35.52 -2.98
N GLN A 321 8.64 36.78 -3.25
CA GLN A 321 9.61 37.86 -3.21
C GLN A 321 9.26 38.81 -2.08
N PRO A 322 10.00 38.82 -0.97
CA PRO A 322 9.66 39.71 0.15
C PRO A 322 9.91 41.17 -0.14
N LEU A 323 10.79 41.48 -1.09
CA LEU A 323 11.14 42.86 -1.41
C LEU A 323 10.66 43.29 -2.79
N MET A 324 10.69 42.40 -3.77
CA MET A 324 10.21 42.75 -5.10
C MET A 324 8.70 42.94 -5.12
N ASP A 325 7.97 42.12 -4.36
CA ASP A 325 6.52 42.17 -4.31
C ASP A 325 6.05 42.67 -2.97
N ASN A 326 4.77 43.03 -2.90
CA ASN A 326 4.13 43.52 -1.69
C ASN A 326 3.06 42.53 -1.23
N LEU A 327 2.90 42.42 0.08
CA LEU A 327 1.98 41.46 0.66
C LEU A 327 0.54 41.97 0.59
N GLU A 328 -0.38 41.03 0.39
CA GLU A 328 -1.79 41.36 0.27
C GLU A 328 -2.43 41.56 1.64
N SER A 329 -3.63 42.15 1.62
CA SER A 329 -4.31 42.48 2.88
C SER A 329 -4.71 41.22 3.64
N GLN A 330 -5.22 40.22 2.94
CA GLN A 330 -5.61 38.98 3.60
C GLN A 330 -4.43 38.27 4.24
N THR A 331 -3.24 38.41 3.64
CA THR A 331 -2.05 37.80 4.22
C THR A 331 -1.72 38.40 5.58
N TYR A 332 -1.70 39.74 5.66
CA TYR A 332 -1.56 40.39 6.95
C TYR A 332 -2.68 39.97 7.91
N GLU A 333 -3.90 39.87 7.39
CA GLU A 333 -5.04 39.54 8.24
C GLU A 333 -4.86 38.17 8.90
N VAL A 334 -4.39 37.18 8.14
CA VAL A 334 -4.27 35.84 8.70
C VAL A 334 -3.02 35.72 9.57
N PHE A 335 -1.89 36.26 9.13
CA PHE A 335 -0.67 36.14 9.93
C PHE A 335 -0.63 37.13 11.09
N GLU A 336 -1.67 37.96 11.25
CA GLU A 336 -1.80 38.81 12.43
C GLU A 336 -2.38 38.05 13.61
N LYS A 337 -3.03 36.91 13.36
CA LYS A 337 -3.75 36.15 14.38
C LYS A 337 -2.90 35.07 15.02
N ASP A 338 -1.60 35.29 15.18
CA ASP A 338 -0.69 34.36 15.84
C ASP A 338 -0.37 34.91 17.24
N PRO A 339 -1.09 34.51 18.28
CA PRO A 339 -0.87 35.12 19.59
C PRO A 339 0.46 34.74 20.21
N ILE A 340 0.97 33.54 19.94
CA ILE A 340 2.21 33.11 20.57
C ILE A 340 3.39 33.94 20.07
N LYS A 341 3.47 34.13 18.74
CA LYS A 341 4.57 34.90 18.15
C LYS A 341 4.62 36.31 18.73
N TYR A 342 3.48 37.00 18.75
CA TYR A 342 3.48 38.38 19.19
C TYR A 342 3.55 38.51 20.70
N SER A 343 3.08 37.52 21.46
CA SER A 343 3.31 37.54 22.89
C SER A 343 4.78 37.37 23.21
N GLN A 344 5.48 36.52 22.45
CA GLN A 344 6.92 36.38 22.62
C GLN A 344 7.64 37.67 22.26
N TYR A 345 7.23 38.32 21.16
CA TYR A 345 7.81 39.63 20.81
C TYR A 345 7.57 40.66 21.90
N GLN A 346 6.36 40.70 22.45
CA GLN A 346 6.04 41.63 23.52
C GLN A 346 6.90 41.36 24.75
N GLN A 347 7.10 40.09 25.10
CA GLN A 347 7.95 39.74 26.24
C GLN A 347 9.40 40.16 25.98
N ALA A 348 9.88 39.97 24.76
CA ALA A 348 11.24 40.39 24.42
C ALA A 348 11.41 41.89 24.58
N ILE A 349 10.47 42.66 24.03
CA ILE A 349 10.55 44.12 24.13
C ILE A 349 10.46 44.56 25.58
N TYR A 350 9.60 43.90 26.36
CA TYR A 350 9.43 44.25 27.77
C TYR A 350 10.71 43.99 28.57
N LYS A 351 11.30 42.81 28.40
CA LYS A 351 12.55 42.51 29.09
C LYS A 351 13.66 43.45 28.66
N CYS A 352 13.70 43.81 27.37
CA CYS A 352 14.74 44.72 26.90
C CYS A 352 14.58 46.11 27.49
N LEU A 353 13.34 46.61 27.55
CA LEU A 353 13.10 47.91 28.16
C LEU A 353 13.47 47.90 29.63
N LEU A 354 13.17 46.81 30.34
CA LEU A 354 13.53 46.75 31.75
C LEU A 354 15.04 46.68 31.94
N ASP A 355 15.74 45.95 31.06
CA ASP A 355 17.18 45.83 31.18
C ASP A 355 17.94 47.01 30.61
N ARG A 356 17.27 47.94 29.92
CA ARG A 356 17.95 49.08 29.32
C ARG A 356 17.81 50.38 30.12
N VAL A 357 16.88 50.46 31.06
CA VAL A 357 16.69 51.68 31.82
C VAL A 357 16.17 51.35 33.21
N PRO A 358 16.82 51.85 34.26
CA PRO A 358 16.40 51.50 35.63
C PRO A 358 15.13 52.22 36.04
N GLU A 359 14.61 51.83 37.21
CA GLU A 359 13.36 52.39 37.69
C GLU A 359 13.51 53.86 38.08
N GLU A 360 14.68 54.23 38.63
CA GLU A 360 14.92 55.63 38.96
C GLU A 360 14.97 56.53 37.73
N GLU A 361 15.04 55.93 36.53
CA GLU A 361 15.03 56.67 35.28
C GLU A 361 13.73 56.50 34.50
N LYS A 362 12.73 55.83 35.08
CA LYS A 362 11.55 55.44 34.33
C LYS A 362 10.81 56.64 33.73
N ASP A 363 10.99 57.84 34.29
CA ASP A 363 10.36 59.04 33.75
C ASP A 363 11.32 59.94 33.00
N THR A 364 12.61 59.88 33.30
CA THR A 364 13.58 60.78 32.66
C THR A 364 14.06 60.27 31.32
N ASN A 365 13.85 59.00 30.99
CA ASN A 365 14.46 58.35 29.83
C ASN A 365 13.37 57.83 28.91
N VAL A 366 13.34 58.36 27.68
CA VAL A 366 12.46 57.88 26.63
C VAL A 366 13.29 57.07 25.64
N GLN A 367 12.81 55.86 25.32
CA GLN A 367 13.54 54.93 24.47
C GLN A 367 13.06 55.04 23.05
N VAL A 368 14.01 55.14 22.11
CA VAL A 368 13.69 55.21 20.69
C VAL A 368 13.58 53.78 20.16
N LEU A 369 12.36 53.39 19.79
CA LEU A 369 12.09 52.10 19.17
C LEU A 369 11.72 52.31 17.71
N MET A 370 12.28 51.47 16.85
CA MET A 370 12.03 51.52 15.42
C MET A 370 11.56 50.15 14.95
N VAL A 371 10.29 50.05 14.57
CA VAL A 371 9.76 48.81 14.00
C VAL A 371 10.09 48.84 12.51
N LEU A 372 11.15 48.13 12.13
CA LEU A 372 11.61 48.10 10.73
C LEU A 372 10.82 47.02 10.00
N GLY A 373 9.73 47.43 9.35
CA GLY A 373 8.82 46.52 8.72
C GLY A 373 7.57 46.30 9.55
N ALA A 374 6.71 47.32 9.60
CA ALA A 374 5.58 47.35 10.53
C ALA A 374 4.31 46.71 9.98
N GLY A 375 4.16 46.63 8.67
CA GLY A 375 2.96 46.02 8.11
C GLY A 375 1.72 46.82 8.48
N ARG A 376 0.77 46.18 9.16
CA ARG A 376 -0.42 46.84 9.64
C ARG A 376 -0.32 47.23 11.11
N GLY A 377 0.84 47.01 11.73
CA GLY A 377 1.13 47.48 13.07
C GLY A 377 0.87 46.51 14.21
N PRO A 378 1.28 45.22 14.08
CA PRO A 378 1.12 44.30 15.21
C PRO A 378 2.26 44.43 16.21
N LEU A 379 3.49 44.59 15.71
CA LEU A 379 4.64 44.89 16.55
C LEU A 379 4.61 46.30 17.13
N VAL A 380 3.94 47.26 16.47
CA VAL A 380 3.78 48.58 17.07
C VAL A 380 2.92 48.48 18.33
N ASN A 381 1.77 47.79 18.24
CA ASN A 381 0.94 47.60 19.41
C ASN A 381 1.62 46.68 20.43
N ALA A 382 2.45 45.75 19.96
CA ALA A 382 3.23 44.93 20.88
C ALA A 382 4.21 45.79 21.68
N SER A 383 4.85 46.75 21.02
CA SER A 383 5.76 47.66 21.73
C SER A 383 4.99 48.55 22.69
N LEU A 384 3.81 49.03 22.29
CA LEU A 384 2.99 49.84 23.19
C LEU A 384 2.61 49.03 24.44
N ARG A 385 2.18 47.79 24.24
CA ARG A 385 1.81 46.94 25.38
C ARG A 385 3.02 46.61 26.25
N ALA A 386 4.18 46.37 25.64
CA ALA A 386 5.38 46.09 26.42
C ALA A 386 5.82 47.30 27.22
N ALA A 387 5.61 48.51 26.69
CA ALA A 387 5.93 49.71 27.45
C ALA A 387 4.96 49.91 28.60
N LYS A 388 3.66 49.72 28.34
CA LYS A 388 2.68 49.78 29.42
C LYS A 388 2.90 48.67 30.45
N GLN A 389 3.59 47.60 30.06
CA GLN A 389 3.88 46.48 30.94
C GLN A 389 5.15 46.69 31.77
N ALA A 390 6.15 47.37 31.21
CA ALA A 390 7.39 47.66 31.91
C ALA A 390 7.40 49.02 32.58
N ASP A 391 6.36 49.83 32.38
CA ASP A 391 6.26 51.18 32.94
C ASP A 391 7.46 52.02 32.55
N ARG A 392 7.74 52.05 31.25
CA ARG A 392 8.83 52.84 30.68
C ARG A 392 8.31 53.64 29.49
N ARG A 393 9.03 54.70 29.16
CA ARG A 393 8.65 55.60 28.07
C ARG A 393 9.35 55.19 26.79
N ILE A 394 8.60 55.22 25.69
CA ILE A 394 9.13 54.85 24.37
C ILE A 394 8.71 55.88 23.34
N LYS A 395 9.55 56.02 22.31
CA LYS A 395 9.26 56.83 21.14
C LYS A 395 9.32 55.91 19.92
N LEU A 396 8.21 55.82 19.20
CA LEU A 396 8.01 54.75 18.22
C LEU A 396 8.11 55.28 16.80
N TYR A 397 8.92 54.61 15.98
CA TYR A 397 8.91 54.75 14.54
C TYR A 397 8.41 53.45 13.93
N ALA A 398 7.52 53.56 12.94
CA ALA A 398 6.97 52.41 12.23
C ALA A 398 7.33 52.55 10.76
N VAL A 399 8.41 51.88 10.35
CA VAL A 399 8.90 51.94 8.98
C VAL A 399 8.31 50.79 8.18
N GLU A 400 7.75 51.11 7.01
CA GLU A 400 7.16 50.09 6.15
C GLU A 400 7.35 50.48 4.70
N LYS A 401 7.84 49.55 3.89
CA LYS A 401 8.07 49.79 2.47
C LYS A 401 6.85 49.51 1.62
N ASN A 402 5.83 48.83 2.15
CA ASN A 402 4.63 48.52 1.40
C ASN A 402 3.65 49.67 1.57
N PRO A 403 3.40 50.48 0.53
CA PRO A 403 2.53 51.66 0.72
C PRO A 403 1.09 51.31 1.06
N ASN A 404 0.59 50.19 0.53
CA ASN A 404 -0.76 49.76 0.85
C ASN A 404 -0.92 49.54 2.34
N ALA A 405 0.09 48.96 2.99
CA ALA A 405 0.07 48.83 4.44
C ALA A 405 0.33 50.16 5.13
N VAL A 406 1.05 51.07 4.47
CA VAL A 406 1.26 52.39 5.04
C VAL A 406 -0.06 53.13 5.17
N VAL A 407 -1.02 52.85 4.28
CA VAL A 407 -2.36 53.43 4.43
C VAL A 407 -2.98 53.00 5.75
N THR A 408 -2.95 51.69 6.03
CA THR A 408 -3.46 51.18 7.30
C THR A 408 -2.74 51.82 8.48
N LEU A 409 -1.41 51.90 8.39
CA LEU A 409 -0.61 52.46 9.47
C LEU A 409 -0.99 53.91 9.76
N GLU A 410 -1.15 54.70 8.70
CA GLU A 410 -1.44 56.13 8.90
C GLU A 410 -2.86 56.34 9.40
N ASN A 411 -3.81 55.51 8.95
CA ASN A 411 -5.16 55.60 9.50
C ASN A 411 -5.19 55.25 10.98
N TRP A 412 -4.42 54.22 11.38
CA TRP A 412 -4.35 53.85 12.79
C TRP A 412 -3.65 54.94 13.60
N GLN A 413 -2.61 55.56 13.04
CA GLN A 413 -1.89 56.62 13.75
C GLN A 413 -2.76 57.86 13.92
N PHE A 414 -3.66 58.13 12.97
CA PHE A 414 -4.58 59.25 13.14
C PHE A 414 -5.69 58.92 14.12
N GLU A 415 -6.20 57.69 14.09
CA GLU A 415 -7.34 57.34 14.93
C GLU A 415 -6.93 56.95 16.35
N GLU A 416 -5.76 56.35 16.54
CA GLU A 416 -5.45 55.75 17.84
C GLU A 416 -4.10 56.20 18.39
N TRP A 417 -3.02 55.83 17.69
CA TRP A 417 -1.67 56.01 18.21
C TRP A 417 -1.35 57.47 18.52
N GLY A 418 -1.30 58.32 17.51
CA GLY A 418 -1.09 59.73 17.73
C GLY A 418 0.36 60.18 17.60
N SER A 419 0.76 61.13 18.44
CA SER A 419 2.11 61.70 18.34
C SER A 419 3.19 60.66 18.60
N GLN A 420 2.88 59.66 19.43
CA GLN A 420 3.92 58.72 19.86
C GLN A 420 4.53 57.96 18.69
N VAL A 421 3.70 57.53 17.75
CA VAL A 421 4.14 56.72 16.61
C VAL A 421 4.32 57.62 15.40
N THR A 422 5.45 57.48 14.73
CA THR A 422 5.74 58.18 13.48
C THR A 422 5.83 57.16 12.36
N VAL A 423 4.91 57.25 11.40
CA VAL A 423 4.87 56.29 10.29
C VAL A 423 5.83 56.76 9.21
N VAL A 424 6.68 55.85 8.74
CA VAL A 424 7.72 56.15 7.77
C VAL A 424 7.53 55.21 6.58
N SER A 425 7.02 55.75 5.47
CA SER A 425 6.83 54.99 4.24
C SER A 425 8.15 54.97 3.48
N SER A 426 8.96 53.94 3.73
CA SER A 426 10.27 53.84 3.10
C SER A 426 10.82 52.45 3.32
N ASP A 427 11.83 52.11 2.52
CA ASP A 427 12.65 50.93 2.76
C ASP A 427 13.66 51.25 3.86
N MET A 428 13.85 50.32 4.80
CA MET A 428 14.75 50.56 5.90
C MET A 428 16.19 50.76 5.42
N ARG A 429 16.54 50.14 4.30
CA ARG A 429 17.87 50.34 3.71
C ARG A 429 18.00 51.73 3.09
N GLU A 430 16.88 52.39 2.79
CA GLU A 430 16.89 53.70 2.14
C GLU A 430 16.60 54.85 3.08
N TRP A 431 16.01 54.58 4.24
CA TRP A 431 15.50 55.62 5.12
C TRP A 431 16.65 56.35 5.81
N VAL A 432 16.71 57.66 5.63
CA VAL A 432 17.64 58.52 6.37
C VAL A 432 16.95 58.85 7.70
N ALA A 433 17.39 58.19 8.77
CA ALA A 433 16.72 58.37 10.05
C ALA A 433 17.06 59.73 10.65
N PRO A 434 16.10 60.41 11.28
CA PRO A 434 16.40 61.69 11.91
C PRO A 434 17.21 61.55 13.19
N GLU A 435 17.05 60.43 13.91
CA GLU A 435 17.79 60.17 15.12
C GLU A 435 18.15 58.68 15.15
N LYS A 436 18.91 58.28 16.16
CA LYS A 436 19.30 56.89 16.32
C LYS A 436 18.39 56.20 17.33
N ALA A 437 18.21 54.89 17.13
CA ALA A 437 17.26 54.11 17.93
C ALA A 437 17.99 53.35 19.03
N ASP A 438 17.33 53.26 20.19
CA ASP A 438 17.81 52.36 21.23
C ASP A 438 17.49 50.91 20.91
N ILE A 439 16.32 50.66 20.30
CA ILE A 439 15.88 49.31 19.97
C ILE A 439 15.31 49.31 18.57
N ILE A 440 15.69 48.32 17.76
CA ILE A 440 15.07 48.07 16.47
C ILE A 440 14.41 46.70 16.52
N VAL A 441 13.16 46.62 16.05
CA VAL A 441 12.36 45.41 16.11
C VAL A 441 11.91 45.05 14.70
N SER A 442 12.02 43.77 14.34
CA SER A 442 11.65 43.32 13.01
C SER A 442 11.17 41.88 13.07
N GLU A 443 10.40 41.50 12.04
CA GLU A 443 9.94 40.12 11.85
C GLU A 443 10.13 39.74 10.38
N LEU A 444 11.39 39.75 9.93
CA LEU A 444 11.74 39.51 8.55
C LEU A 444 12.16 38.08 8.28
N LEU A 445 11.89 37.15 9.19
CA LEU A 445 12.39 35.79 9.09
C LEU A 445 11.46 34.93 8.26
N GLY A 446 12.02 34.20 7.32
CA GLY A 446 11.29 33.21 6.55
C GLY A 446 11.34 31.85 7.20
N SER A 447 10.98 30.82 6.42
CA SER A 447 11.02 29.46 6.95
C SER A 447 12.44 28.97 7.16
N PHE A 448 13.38 29.44 6.33
CA PHE A 448 14.80 29.15 6.47
C PHE A 448 15.55 30.32 7.11
N ALA A 449 14.85 31.08 7.96
CA ALA A 449 15.39 32.24 8.67
C ALA A 449 15.78 33.34 7.70
N ASP A 450 16.92 33.19 7.03
CA ASP A 450 17.49 34.27 6.23
C ASP A 450 17.04 34.23 4.76
N ASN A 451 16.09 33.35 4.41
CA ASN A 451 15.68 33.26 3.02
C ASN A 451 14.76 34.40 2.57
N GLU A 452 14.33 35.26 3.50
CA GLU A 452 13.59 36.47 3.15
C GLU A 452 14.45 37.72 3.34
N LEU A 453 15.78 37.55 3.32
CA LEU A 453 16.74 38.65 3.24
C LEU A 453 16.73 39.54 4.48
N SER A 454 16.42 38.96 5.64
CA SER A 454 16.57 39.70 6.89
C SER A 454 18.01 40.19 7.12
N PRO A 455 19.06 39.42 6.84
CA PRO A 455 20.42 39.97 7.05
C PRO A 455 20.70 41.22 6.23
N GLU A 456 20.37 41.21 4.94
CA GLU A 456 20.64 42.38 4.10
C GLU A 456 19.86 43.60 4.58
N CYS A 457 18.58 43.42 4.92
CA CYS A 457 17.77 44.53 5.38
C CYS A 457 18.30 45.10 6.68
N LEU A 458 18.59 44.24 7.66
CA LEU A 458 19.08 44.73 8.94
C LEU A 458 20.48 45.32 8.83
N ASP A 459 21.29 44.82 7.89
CA ASP A 459 22.59 45.45 7.65
C ASP A 459 22.43 46.85 7.06
N GLY A 460 21.50 47.01 6.11
CA GLY A 460 21.21 48.33 5.60
C GLY A 460 20.58 49.26 6.61
N ALA A 461 19.98 48.72 7.67
CA ALA A 461 19.32 49.53 8.68
C ALA A 461 20.17 49.82 9.92
N GLN A 462 21.19 48.99 10.21
CA GLN A 462 21.88 49.11 11.49
C GLN A 462 22.76 50.35 11.60
N HIS A 463 22.82 51.22 10.58
CA HIS A 463 23.65 52.40 10.69
C HIS A 463 23.01 53.50 11.55
N PHE A 464 21.69 53.43 11.76
CA PHE A 464 21.02 54.36 12.68
C PHE A 464 20.65 53.68 14.00
N LEU A 465 21.26 52.54 14.30
CA LEU A 465 21.17 51.95 15.62
C LEU A 465 22.29 52.51 16.49
N LYS A 466 21.95 52.87 17.73
CA LYS A 466 22.96 53.38 18.64
C LYS A 466 24.08 52.36 18.82
N ASP A 467 25.28 52.88 19.13
CA ASP A 467 26.43 51.99 19.32
C ASP A 467 26.17 50.96 20.41
N ASP A 468 25.31 51.29 21.37
CA ASP A 468 24.84 50.35 22.39
C ASP A 468 23.45 49.82 22.07
N GLY A 469 23.02 49.86 20.81
CA GLY A 469 21.67 49.51 20.47
C GLY A 469 21.40 48.02 20.46
N VAL A 470 20.12 47.68 20.51
CA VAL A 470 19.66 46.30 20.56
C VAL A 470 18.77 46.02 19.36
N SER A 471 18.99 44.88 18.72
CA SER A 471 18.15 44.39 17.64
C SER A 471 17.35 43.19 18.15
N ILE A 472 16.04 43.21 17.87
CA ILE A 472 15.15 42.09 18.15
C ILE A 472 14.53 41.67 16.83
N PRO A 473 14.81 40.46 16.32
CA PRO A 473 15.57 39.36 16.94
C PRO A 473 17.06 39.61 17.12
N GLY A 474 17.62 39.10 18.21
CA GLY A 474 19.06 39.23 18.41
C GLY A 474 19.85 38.36 17.47
N GLU A 475 19.38 37.14 17.21
CA GLU A 475 20.09 36.28 16.27
C GLU A 475 19.13 35.23 15.75
N TYR A 476 19.55 34.53 14.69
CA TYR A 476 18.76 33.43 14.18
C TYR A 476 19.67 32.42 13.48
N THR A 477 19.17 31.20 13.36
CA THR A 477 19.92 30.06 12.84
C THR A 477 18.97 29.15 12.07
N SER A 478 19.44 28.65 10.93
CA SER A 478 18.68 27.70 10.13
C SER A 478 19.14 26.27 10.39
N PHE A 479 18.24 25.33 10.17
CA PHE A 479 18.48 23.91 10.41
C PHE A 479 18.04 23.11 9.20
N LEU A 480 18.79 22.03 8.92
CA LEU A 480 18.52 21.14 7.80
C LEU A 480 18.44 19.69 8.27
N ALA A 481 17.62 18.90 7.59
CA ALA A 481 17.49 17.47 7.91
C ALA A 481 17.12 16.70 6.65
N PRO A 482 17.85 15.65 6.30
CA PRO A 482 17.51 14.88 5.09
C PRO A 482 16.20 14.13 5.29
N ILE A 483 15.37 14.11 4.24
CA ILE A 483 14.05 13.49 4.32
C ILE A 483 13.88 12.50 3.18
N SER A 484 12.91 11.61 3.37
CA SER A 484 12.52 10.62 2.36
C SER A 484 11.03 10.76 2.10
N SER A 485 10.67 10.95 0.83
CA SER A 485 9.27 11.12 0.46
C SER A 485 9.06 10.97 -1.04
N SER A 486 8.51 9.84 -1.48
CA SER A 486 8.09 9.72 -2.87
C SER A 486 6.94 10.66 -3.18
N LYS A 487 6.08 10.92 -2.19
CA LYS A 487 4.96 11.83 -2.38
C LYS A 487 5.44 13.23 -2.77
N LEU A 488 6.31 13.81 -1.94
CA LEU A 488 6.78 15.17 -2.21
C LEU A 488 7.71 15.21 -3.42
N TYR A 489 8.46 14.13 -3.68
CA TYR A 489 9.26 14.09 -4.89
C TYR A 489 8.38 14.14 -6.14
N ASN A 490 7.28 13.38 -6.13
CA ASN A 490 6.34 13.44 -7.25
C ASN A 490 5.67 14.80 -7.32
N GLU A 491 5.36 15.40 -6.19
CA GLU A 491 4.75 16.73 -6.18
C GLU A 491 5.68 17.78 -6.80
N VAL A 492 6.99 17.68 -6.50
CA VAL A 492 7.95 18.60 -7.11
C VAL A 492 8.09 18.31 -8.60
N ARG A 493 8.12 17.02 -8.96
CA ARG A 493 8.22 16.64 -10.37
C ARG A 493 7.05 17.19 -11.18
N ALA A 494 5.86 17.22 -10.58
CA ALA A 494 4.67 17.73 -11.26
C ALA A 494 4.67 19.25 -11.40
N CYS A 495 5.71 19.95 -10.94
CA CYS A 495 5.79 21.40 -11.05
C CYS A 495 6.53 21.84 -12.30
N ARG A 496 6.81 20.93 -13.23
CA ARG A 496 7.44 21.32 -14.48
C ARG A 496 6.49 22.20 -15.29
N GLU A 497 6.99 23.36 -15.74
CA GLU A 497 6.19 24.31 -16.49
C GLU A 497 6.83 24.57 -17.84
N LYS A 498 5.99 24.87 -18.82
CA LYS A 498 6.48 25.23 -20.14
C LYS A 498 7.25 26.55 -20.08
N ASP A 499 8.14 26.74 -21.07
CA ASP A 499 8.90 27.97 -21.23
C ASP A 499 9.89 28.19 -20.08
N ARG A 500 10.49 27.12 -19.58
CA ARG A 500 11.59 27.22 -18.64
C ARG A 500 12.32 25.88 -18.61
N ASP A 501 13.40 25.83 -17.83
CA ASP A 501 14.19 24.61 -17.71
C ASP A 501 13.29 23.45 -17.28
N PRO A 502 13.33 22.30 -17.97
CA PRO A 502 12.50 21.17 -17.55
C PRO A 502 12.88 20.60 -16.18
N GLU A 503 13.98 21.05 -15.58
CA GLU A 503 14.37 20.62 -14.25
C GLU A 503 14.52 21.79 -13.29
N ALA A 504 13.96 22.95 -13.63
CA ALA A 504 14.07 24.11 -12.75
C ALA A 504 13.27 23.93 -11.47
N GLN A 505 12.20 23.12 -11.52
CA GLN A 505 11.37 22.90 -10.33
C GLN A 505 12.13 22.18 -9.22
N PHE A 506 13.22 21.49 -9.53
CA PHE A 506 14.04 20.84 -8.53
C PHE A 506 15.08 21.76 -7.91
N GLU A 507 15.27 22.96 -8.47
CA GLU A 507 16.33 23.87 -8.03
C GLU A 507 15.77 25.07 -7.28
N MET A 508 14.68 24.89 -6.53
CA MET A 508 14.12 25.98 -5.75
C MET A 508 13.47 25.43 -4.49
N PRO A 509 13.54 26.16 -3.37
CA PRO A 509 12.91 25.69 -2.14
C PRO A 509 11.41 25.97 -2.11
N TYR A 510 10.69 25.07 -1.46
CA TYR A 510 9.24 25.18 -1.31
C TYR A 510 8.87 25.24 0.16
N VAL A 511 7.88 26.06 0.49
CA VAL A 511 7.27 26.04 1.82
C VAL A 511 6.14 25.02 1.79
N VAL A 512 6.19 24.08 2.74
CA VAL A 512 5.24 22.98 2.73
C VAL A 512 5.09 22.37 4.12
N ARG A 513 3.85 22.17 4.55
CA ARG A 513 3.59 21.42 5.78
C ARG A 513 3.91 19.95 5.53
N LEU A 514 5.17 19.57 5.75
CA LEU A 514 5.62 18.21 5.50
C LEU A 514 4.78 17.22 6.30
N HIS A 515 4.42 16.11 5.65
CA HIS A 515 3.49 15.17 6.24
C HIS A 515 3.81 13.74 5.87
N ASN A 516 3.67 13.40 4.58
CA ASN A 516 3.96 12.05 4.10
C ASN A 516 5.45 11.97 3.75
N PHE A 517 6.27 11.93 4.81
CA PHE A 517 7.72 11.97 4.65
C PHE A 517 8.37 11.22 5.80
N HIS A 518 9.68 11.01 5.66
CA HIS A 518 10.48 10.28 6.65
C HIS A 518 11.74 11.09 6.92
N GLN A 519 11.84 11.66 8.13
CA GLN A 519 13.05 12.35 8.53
C GLN A 519 14.15 11.33 8.79
N LEU A 520 15.28 11.47 8.09
CA LEU A 520 16.32 10.44 8.11
C LEU A 520 17.39 10.69 9.16
N SER A 521 17.58 11.93 9.59
CA SER A 521 18.57 12.23 10.62
C SER A 521 18.12 13.47 11.39
N ALA A 522 18.76 13.69 12.53
CA ALA A 522 18.40 14.83 13.37
C ALA A 522 18.74 16.14 12.65
N PRO A 523 17.93 17.18 12.85
CA PRO A 523 18.25 18.48 12.23
C PRO A 523 19.52 19.07 12.82
N GLN A 524 20.36 19.61 11.94
CA GLN A 524 21.61 20.22 12.34
C GLN A 524 21.67 21.67 11.85
N PRO A 525 22.30 22.56 12.62
CA PRO A 525 22.33 23.97 12.22
C PRO A 525 23.10 24.18 10.92
N CYS A 526 22.59 25.08 10.10
CA CYS A 526 23.18 25.40 8.80
C CYS A 526 23.82 26.79 8.81
N PHE A 527 23.01 27.85 8.77
CA PHE A 527 23.52 29.22 8.71
C PHE A 527 23.06 29.99 9.94
N THR A 528 23.91 30.92 10.40
CA THR A 528 23.64 31.72 11.59
C THR A 528 23.91 33.18 11.28
N PHE A 529 23.02 34.06 11.76
CA PHE A 529 23.20 35.49 11.60
C PHE A 529 22.91 36.19 12.92
N SER A 530 23.70 37.23 13.19
CA SER A 530 23.57 38.04 14.39
C SER A 530 23.39 39.51 14.02
N HIS A 531 22.74 40.26 14.90
CA HIS A 531 22.48 41.67 14.66
C HIS A 531 22.62 42.43 15.97
N PRO A 532 23.41 43.53 15.99
CA PRO A 532 24.17 44.11 14.89
C PRO A 532 25.39 43.27 14.53
N ASN A 533 25.76 43.21 13.25
CA ASN A 533 26.94 42.46 12.83
C ASN A 533 28.17 43.29 13.18
N ARG A 534 28.84 42.91 14.27
CA ARG A 534 30.00 43.64 14.77
C ARG A 534 31.30 43.28 14.04
N ASP A 535 31.24 43.11 12.72
CA ASP A 535 32.40 42.79 11.92
C ASP A 535 32.62 43.87 10.87
N PRO A 536 33.86 44.34 10.68
CA PRO A 536 34.09 45.37 9.65
C PRO A 536 33.79 44.88 8.25
N MET A 537 34.02 43.60 7.96
CA MET A 537 33.72 43.02 6.65
C MET A 537 32.45 42.20 6.77
N ILE A 538 31.32 42.88 6.71
CA ILE A 538 30.01 42.22 6.81
C ILE A 538 29.79 41.43 5.52
N ASP A 539 29.84 40.11 5.62
CA ASP A 539 29.63 39.23 4.48
C ASP A 539 28.56 38.21 4.83
N ASN A 540 27.44 38.27 4.12
CA ASN A 540 26.34 37.34 4.34
C ASN A 540 26.40 36.12 3.44
N ASN A 541 27.44 35.99 2.61
CA ASN A 541 27.64 34.78 1.83
C ASN A 541 28.18 33.68 2.74
N ARG A 542 27.73 32.44 2.50
CA ARG A 542 28.02 31.34 3.40
C ARG A 542 28.34 30.08 2.60
N TYR A 543 29.12 29.20 3.21
CA TYR A 543 29.39 27.86 2.69
C TYR A 543 29.46 26.91 3.87
N CYS A 544 28.61 25.89 3.87
CA CYS A 544 28.48 25.00 5.01
C CYS A 544 28.38 23.55 4.53
N THR A 545 28.99 22.65 5.30
CA THR A 545 28.96 21.21 5.04
C THR A 545 28.33 20.50 6.21
N LEU A 546 27.37 19.63 5.94
CA LEU A 546 26.66 18.90 6.98
C LEU A 546 26.75 17.41 6.73
N GLU A 547 27.07 16.66 7.79
CA GLU A 547 27.16 15.20 7.75
C GLU A 547 26.02 14.63 8.60
N PHE A 548 25.19 13.80 7.99
CA PHE A 548 24.03 13.21 8.67
C PHE A 548 24.20 11.71 8.76
N PRO A 549 24.36 11.16 9.96
CA PRO A 549 24.37 9.69 10.10
C PRO A 549 22.98 9.12 9.85
N VAL A 550 22.92 8.10 9.01
CA VAL A 550 21.67 7.43 8.66
C VAL A 550 21.74 6.01 9.17
N GLU A 551 20.73 5.61 9.95
CA GLU A 551 20.71 4.29 10.56
C GLU A 551 19.55 3.44 10.03
N VAL A 552 19.12 3.70 8.80
CA VAL A 552 18.19 2.85 8.07
C VAL A 552 18.56 2.89 6.59
N ASN A 553 18.09 1.88 5.86
CA ASN A 553 18.11 1.95 4.40
C ASN A 553 16.95 2.82 3.94
N THR A 554 17.20 3.70 2.99
CA THR A 554 16.20 4.67 2.59
C THR A 554 16.57 5.29 1.24
N VAL A 555 15.69 6.14 0.74
CA VAL A 555 15.90 6.89 -0.48
C VAL A 555 15.74 8.36 -0.17
N LEU A 556 16.81 9.14 -0.37
CA LEU A 556 16.82 10.57 -0.11
C LEU A 556 16.24 11.33 -1.30
N HIS A 557 15.28 12.22 -1.02
CA HIS A 557 14.65 13.05 -2.03
C HIS A 557 14.81 14.54 -1.80
N GLY A 558 15.31 14.96 -0.63
CA GLY A 558 15.46 16.37 -0.36
C GLY A 558 15.80 16.61 1.10
N PHE A 559 15.83 17.89 1.44
CA PHE A 559 16.23 18.33 2.78
C PHE A 559 15.18 19.29 3.33
N ALA A 560 14.59 18.92 4.46
CA ALA A 560 13.71 19.81 5.18
C ALA A 560 14.51 20.88 5.90
N GLY A 561 13.93 22.08 5.97
CA GLY A 561 14.57 23.22 6.59
C GLY A 561 13.67 23.91 7.60
N TYR A 562 14.24 24.19 8.77
CA TYR A 562 13.58 24.87 9.87
C TYR A 562 14.47 26.03 10.31
N PHE A 563 14.06 26.69 11.39
CA PHE A 563 14.88 27.76 11.95
C PHE A 563 14.52 27.97 13.42
N GLU A 564 15.47 28.57 14.12
CA GLU A 564 15.30 29.08 15.48
C GLU A 564 15.76 30.52 15.50
N THR A 565 15.24 31.28 16.45
CA THR A 565 15.64 32.68 16.56
C THR A 565 15.58 33.13 18.02
N VAL A 566 16.64 33.79 18.44
CA VAL A 566 16.70 34.45 19.74
C VAL A 566 16.22 35.88 19.55
N LEU A 567 15.02 36.18 20.07
CA LEU A 567 14.51 37.55 20.03
C LEU A 567 15.24 38.41 21.06
N TYR A 568 15.38 37.89 22.28
CA TYR A 568 16.09 38.58 23.35
C TYR A 568 16.41 37.62 24.50
N GLN A 569 17.69 37.30 24.68
CA GLN A 569 18.16 36.43 25.75
C GLN A 569 17.45 35.08 25.73
N ASP A 570 16.58 34.82 26.70
CA ASP A 570 15.87 33.54 26.77
C ASP A 570 14.58 33.54 25.97
N ILE A 571 14.18 34.67 25.39
CA ILE A 571 12.96 34.73 24.59
C ILE A 571 13.29 34.23 23.19
N THR A 572 12.60 33.17 22.76
CA THR A 572 12.97 32.47 21.54
C THR A 572 11.72 32.09 20.76
N LEU A 573 11.92 31.91 19.46
CA LEU A 573 10.94 31.28 18.59
C LEU A 573 11.63 30.15 17.83
N SER A 574 10.84 29.14 17.45
CA SER A 574 11.43 27.98 16.79
C SER A 574 10.37 27.20 16.05
N ILE A 575 10.68 26.81 14.81
CA ILE A 575 9.91 25.82 14.08
C ILE A 575 10.67 24.51 13.94
N ARG A 576 11.87 24.43 14.49
CA ARG A 576 12.58 23.17 14.63
C ARG A 576 11.71 22.18 15.39
N PRO A 577 11.52 20.95 14.90
CA PRO A 577 10.52 20.06 15.51
C PRO A 577 10.80 19.75 16.97
N GLU A 578 12.06 19.61 17.37
CA GLU A 578 12.37 19.24 18.75
C GLU A 578 12.08 20.37 19.73
N THR A 579 12.17 21.62 19.27
CA THR A 579 11.98 22.79 20.13
C THR A 579 10.88 23.70 19.58
N HIS A 580 9.91 23.13 18.86
CA HIS A 580 8.90 23.93 18.18
C HIS A 580 8.11 24.76 19.18
N SER A 581 7.91 26.03 18.85
CA SER A 581 7.08 26.89 19.68
C SER A 581 5.64 26.37 19.66
N PRO A 582 5.01 26.17 20.82
CA PRO A 582 3.70 25.49 20.84
C PRO A 582 2.63 26.34 20.17
N GLY A 583 1.88 25.72 19.27
CA GLY A 583 0.73 26.37 18.66
C GLY A 583 1.05 27.51 17.73
N MET A 584 2.30 27.63 17.28
CA MET A 584 2.69 28.69 16.36
C MET A 584 2.55 28.20 14.92
N PHE A 585 1.62 28.80 14.17
CA PHE A 585 1.30 28.37 12.82
C PHE A 585 1.92 29.25 11.74
N SER A 586 2.67 30.29 12.11
CA SER A 586 3.09 31.28 11.14
C SER A 586 4.06 30.72 10.11
N TRP A 587 4.91 29.77 10.49
CA TRP A 587 5.94 29.23 9.61
C TRP A 587 5.74 27.74 9.41
N PHE A 588 5.66 27.32 8.15
CA PHE A 588 5.79 25.94 7.75
C PHE A 588 7.23 25.63 7.39
N PRO A 589 7.64 24.36 7.43
CA PRO A 589 9.00 24.01 7.02
C PRO A 589 9.24 24.31 5.55
N ILE A 590 10.51 24.33 5.19
CA ILE A 590 10.93 24.53 3.80
C ILE A 590 11.49 23.22 3.27
N LEU A 591 11.55 23.10 1.95
CA LEU A 591 11.99 21.88 1.30
C LEU A 591 12.95 22.19 0.17
N PHE A 592 14.19 21.71 0.29
CA PHE A 592 15.16 21.78 -0.80
C PHE A 592 15.19 20.43 -1.49
N PRO A 593 14.56 20.27 -2.65
CA PRO A 593 14.58 18.98 -3.34
C PRO A 593 15.90 18.75 -4.06
N ILE A 594 16.05 17.54 -4.60
CA ILE A 594 17.16 17.19 -5.48
C ILE A 594 16.59 16.53 -6.72
N LYS A 595 17.25 16.76 -7.85
CA LYS A 595 16.74 16.32 -9.14
C LYS A 595 16.57 14.80 -9.18
N GLN A 596 17.54 14.06 -8.63
CA GLN A 596 17.52 12.61 -8.69
C GLN A 596 17.56 12.02 -7.28
N PRO A 597 16.70 11.05 -6.98
CA PRO A 597 16.76 10.40 -5.66
C PRO A 597 18.07 9.66 -5.46
N ILE A 598 18.50 9.59 -4.20
CA ILE A 598 19.79 9.01 -3.86
C ILE A 598 19.57 7.87 -2.86
N THR A 599 20.04 6.67 -3.20
CA THR A 599 19.90 5.53 -2.31
C THR A 599 20.91 5.61 -1.18
N VAL A 600 20.46 5.39 0.05
CA VAL A 600 21.32 5.40 1.22
C VAL A 600 21.14 4.08 1.96
N ARG A 601 22.24 3.43 2.29
CA ARG A 601 22.20 2.17 3.04
C ARG A 601 22.29 2.44 4.53
N GLU A 602 22.01 1.39 5.31
CA GLU A 602 22.15 1.48 6.76
C GLU A 602 23.59 1.78 7.14
N GLY A 603 23.78 2.75 8.02
CA GLY A 603 25.10 3.12 8.47
C GLY A 603 25.82 4.15 7.62
N GLN A 604 25.35 4.38 6.40
CA GLN A 604 25.98 5.38 5.54
C GLN A 604 25.69 6.79 6.03
N THR A 605 26.47 7.74 5.54
CA THR A 605 26.40 9.13 5.95
C THR A 605 26.02 9.99 4.76
N ILE A 606 24.97 10.79 4.92
CA ILE A 606 24.56 11.76 3.89
C ILE A 606 25.34 13.04 4.14
N CYS A 607 26.25 13.36 3.23
CA CYS A 607 27.01 14.60 3.29
C CYS A 607 26.46 15.56 2.25
N VAL A 608 25.97 16.71 2.72
CA VAL A 608 25.36 17.75 1.88
C VAL A 608 26.12 19.05 2.10
N ARG A 609 26.09 19.91 1.08
CA ARG A 609 26.78 21.20 1.12
C ARG A 609 25.82 22.28 0.66
N PHE A 610 25.78 23.40 1.40
CA PHE A 610 24.89 24.50 1.10
C PHE A 610 25.67 25.79 1.00
N TRP A 611 25.40 26.57 -0.05
CA TRP A 611 25.98 27.90 -0.23
C TRP A 611 24.89 28.95 -0.16
N ARG A 612 25.17 30.05 0.53
CA ARG A 612 24.35 31.25 0.45
C ARG A 612 25.13 32.25 -0.40
N CYS A 613 24.62 32.50 -1.61
CA CYS A 613 25.30 33.34 -2.58
C CYS A 613 24.51 34.63 -2.80
N SER A 614 25.19 35.64 -3.32
CA SER A 614 24.56 36.93 -3.53
C SER A 614 25.40 37.76 -4.48
N ASN A 615 24.75 38.67 -5.18
CA ASN A 615 25.42 39.79 -5.83
C ASN A 615 24.72 41.07 -5.40
N SER A 616 24.92 42.15 -6.15
CA SER A 616 24.33 43.43 -5.78
C SER A 616 22.82 43.43 -5.95
N LYS A 617 22.25 42.49 -6.70
CA LYS A 617 20.84 42.52 -7.06
C LYS A 617 20.00 41.44 -6.42
N LYS A 618 20.58 40.32 -6.02
CA LYS A 618 19.77 39.18 -5.62
C LYS A 618 20.57 38.26 -4.71
N VAL A 619 19.84 37.37 -4.03
CA VAL A 619 20.40 36.38 -3.13
C VAL A 619 19.75 35.03 -3.42
N TRP A 620 20.53 33.96 -3.37
CA TRP A 620 20.01 32.63 -3.66
C TRP A 620 20.82 31.58 -2.92
N TYR A 621 20.25 30.38 -2.83
CA TYR A 621 20.92 29.23 -2.24
C TYR A 621 21.40 28.28 -3.34
N GLU A 622 22.54 27.66 -3.10
CA GLU A 622 23.03 26.57 -3.92
C GLU A 622 23.34 25.38 -3.02
N TRP A 623 23.03 24.18 -3.48
CA TRP A 623 23.20 23.01 -2.63
C TRP A 623 23.52 21.79 -3.48
N ALA A 624 24.31 20.88 -2.90
CA ALA A 624 24.70 19.65 -3.58
C ALA A 624 24.93 18.57 -2.53
N VAL A 625 24.57 17.34 -2.86
CA VAL A 625 24.86 16.18 -2.02
C VAL A 625 26.17 15.57 -2.47
N THR A 626 27.08 15.32 -1.52
CA THR A 626 28.38 14.76 -1.86
C THR A 626 28.62 13.38 -1.28
N ALA A 627 27.73 12.88 -0.42
CA ALA A 627 27.85 11.52 0.06
C ALA A 627 26.45 11.00 0.38
N PRO A 628 26.19 9.70 0.12
CA PRO A 628 27.13 8.65 -0.31
C PRO A 628 27.49 8.72 -1.81
N VAL A 629 26.72 9.44 -2.60
CA VAL A 629 27.06 9.72 -3.99
C VAL A 629 26.85 11.20 -4.24
N CYS A 630 27.50 11.70 -5.28
CA CYS A 630 27.42 13.11 -5.61
C CYS A 630 26.18 13.40 -6.46
N SER A 631 25.51 14.48 -6.13
CA SER A 631 24.46 15.05 -6.99
C SER A 631 25.06 16.19 -7.80
N ALA A 632 24.25 16.72 -8.71
CA ALA A 632 24.65 17.93 -9.41
C ALA A 632 24.47 19.13 -8.48
N ILE A 633 25.33 20.13 -8.65
CA ILE A 633 25.20 21.37 -7.89
C ILE A 633 23.90 22.06 -8.31
N HIS A 634 22.98 22.18 -7.37
CA HIS A 634 21.63 22.64 -7.67
C HIS A 634 21.55 24.17 -7.64
N ASN A 635 20.75 24.73 -8.54
CA ASN A 635 20.56 26.16 -8.67
C ASN A 635 21.87 26.94 -8.77
N PRO A 636 22.77 26.57 -9.68
CA PRO A 636 24.00 27.36 -9.81
C PRO A 636 23.72 28.74 -10.36
N THR A 637 24.48 29.73 -9.87
CA THR A 637 24.36 31.15 -10.18
C THR A 637 22.91 31.66 -10.14
N GLY A 638 22.05 30.99 -9.38
CA GLY A 638 20.66 31.40 -9.25
C GLY A 638 19.85 31.31 -10.53
N ARG A 639 20.15 30.35 -11.41
CA ARG A 639 19.47 30.26 -12.69
C ARG A 639 18.01 29.85 -12.57
N SER A 640 17.61 29.29 -11.43
CA SER A 640 16.24 28.81 -11.25
C SER A 640 15.50 29.45 -10.09
N TYR A 641 16.19 30.16 -9.19
CA TYR A 641 15.54 30.71 -8.01
C TYR A 641 16.45 31.78 -7.41
N THR A 642 15.94 33.00 -7.31
CA THR A 642 16.65 34.09 -6.65
C THR A 642 15.65 34.89 -5.82
N ILE A 643 16.18 35.64 -4.87
CA ILE A 643 15.40 36.52 -4.00
C ILE A 643 15.84 37.94 -4.29
N GLY A 644 15.00 38.69 -4.99
CA GLY A 644 15.33 40.05 -5.37
C GLY A 644 15.59 40.99 -4.22
N LEU A 645 16.70 41.71 -4.28
CA LEU A 645 17.06 42.66 -3.24
C LEU A 645 16.37 44.01 -3.47
N CYS B 34 -31.47 -25.04 -15.38
CA CYS B 34 -30.25 -25.07 -16.18
C CYS B 34 -29.07 -25.59 -15.37
N MET B 35 -27.98 -25.90 -16.08
CA MET B 35 -26.75 -26.37 -15.45
C MET B 35 -25.62 -25.47 -15.88
N GLU B 36 -24.91 -24.90 -14.89
CA GLU B 36 -23.83 -23.96 -15.15
C GLU B 36 -22.85 -24.57 -16.15
N ARG B 37 -22.42 -23.74 -17.11
CA ARG B 37 -21.70 -24.23 -18.28
C ARG B 37 -20.36 -24.84 -17.89
N GLN B 38 -19.65 -24.21 -16.95
CA GLN B 38 -18.29 -24.64 -16.63
C GLN B 38 -18.36 -25.87 -15.73
N LEU B 39 -18.42 -27.05 -16.37
CA LEU B 39 -18.38 -28.30 -15.63
C LEU B 39 -17.02 -28.48 -14.98
N GLU B 40 -16.99 -28.63 -13.67
CA GLU B 40 -15.75 -28.60 -12.90
C GLU B 40 -15.27 -29.95 -12.42
N ALA B 41 -16.17 -30.84 -12.02
CA ALA B 41 -15.75 -32.11 -11.44
C ALA B 41 -16.71 -33.22 -11.81
N ALA B 42 -16.16 -34.41 -12.06
CA ALA B 42 -16.94 -35.61 -12.35
C ALA B 42 -16.34 -36.78 -11.58
N ARG B 43 -17.17 -37.49 -10.82
CA ARG B 43 -16.70 -38.57 -9.97
C ARG B 43 -17.65 -39.75 -10.06
N TYR B 44 -17.12 -40.93 -10.34
CA TYR B 44 -17.91 -42.15 -10.37
C TYR B 44 -18.03 -42.74 -8.97
N ARG B 45 -19.24 -43.13 -8.60
CA ARG B 45 -19.46 -43.84 -7.35
C ARG B 45 -19.27 -45.34 -7.56
N SER B 46 -19.08 -46.07 -6.46
CA SER B 46 -18.80 -47.50 -6.55
C SER B 46 -19.93 -48.27 -7.24
N ASP B 47 -21.18 -47.85 -7.04
CA ASP B 47 -22.30 -48.55 -7.64
C ASP B 47 -22.50 -48.21 -9.11
N GLY B 48 -21.83 -47.19 -9.63
CA GLY B 48 -21.93 -46.82 -11.04
C GLY B 48 -22.51 -45.44 -11.31
N ALA B 49 -23.00 -44.74 -10.30
CA ALA B 49 -23.58 -43.42 -10.52
C ALA B 49 -22.49 -42.39 -10.77
N LEU B 50 -22.91 -41.24 -11.30
CA LEU B 50 -21.99 -40.16 -11.67
C LEU B 50 -22.36 -38.89 -10.94
N LEU B 51 -21.37 -38.30 -10.27
CA LEU B 51 -21.53 -37.04 -9.55
C LEU B 51 -20.88 -35.92 -10.34
N LEU B 52 -21.62 -34.83 -10.56
CA LEU B 52 -21.16 -33.69 -11.32
C LEU B 52 -21.19 -32.43 -10.45
N GLY B 53 -20.09 -31.69 -10.46
CA GLY B 53 -20.04 -30.40 -9.81
C GLY B 53 -19.71 -29.32 -10.82
N ALA B 54 -20.58 -28.31 -10.92
CA ALA B 54 -20.43 -27.26 -11.92
C ALA B 54 -20.48 -25.90 -11.25
N SER B 55 -19.94 -24.90 -11.95
CA SER B 55 -19.89 -23.53 -11.47
C SER B 55 -20.12 -22.57 -12.63
N SER B 56 -20.70 -21.41 -12.30
CA SER B 56 -20.96 -20.35 -13.28
C SER B 56 -19.83 -19.34 -13.20
N LEU B 57 -18.83 -19.49 -14.07
CA LEU B 57 -17.67 -18.62 -14.08
C LEU B 57 -17.86 -17.39 -14.97
N SER B 58 -19.07 -17.17 -15.47
CA SER B 58 -19.37 -16.00 -16.27
C SER B 58 -20.88 -15.80 -16.28
N GLY B 59 -21.30 -14.60 -16.63
CA GLY B 59 -22.70 -14.24 -16.63
C GLY B 59 -23.10 -13.45 -15.40
N ARG B 60 -24.42 -13.30 -15.24
CA ARG B 60 -24.95 -12.50 -14.14
C ARG B 60 -24.62 -13.14 -12.79
N CYS B 61 -24.92 -14.42 -12.62
CA CYS B 61 -24.77 -15.11 -11.35
C CYS B 61 -23.52 -15.99 -11.37
N TRP B 62 -22.71 -15.87 -10.31
CA TRP B 62 -21.51 -16.69 -10.15
C TRP B 62 -21.73 -17.69 -9.02
N ALA B 63 -22.63 -18.65 -9.27
CA ALA B 63 -22.96 -19.67 -8.29
C ALA B 63 -22.43 -21.03 -8.73
N GLY B 64 -23.00 -22.10 -8.21
CA GLY B 64 -22.59 -23.44 -8.56
C GLY B 64 -23.70 -24.42 -8.28
N SER B 65 -23.47 -25.67 -8.67
CA SER B 65 -24.49 -26.70 -8.53
C SER B 65 -23.84 -28.08 -8.43
N LEU B 66 -24.59 -28.98 -7.77
CA LEU B 66 -24.22 -30.38 -7.64
C LEU B 66 -25.31 -31.25 -8.26
N TRP B 67 -24.91 -32.33 -8.92
CA TRP B 67 -25.84 -33.20 -9.62
C TRP B 67 -25.42 -34.65 -9.45
N LEU B 68 -26.40 -35.54 -9.41
CA LEU B 68 -26.18 -36.98 -9.36
C LEU B 68 -27.03 -37.65 -10.43
N PHE B 69 -26.39 -38.36 -11.35
CA PHE B 69 -27.03 -39.12 -12.40
C PHE B 69 -26.83 -40.60 -12.11
N LYS B 70 -27.91 -41.33 -11.83
CA LYS B 70 -27.80 -42.77 -11.79
C LYS B 70 -27.76 -43.36 -13.19
N ASP B 71 -28.17 -42.59 -14.20
CA ASP B 71 -27.92 -42.90 -15.60
C ASP B 71 -26.84 -41.96 -16.10
N PRO B 72 -25.57 -42.39 -16.15
CA PRO B 72 -24.50 -41.44 -16.52
C PRO B 72 -24.50 -41.05 -17.99
N CYS B 73 -25.06 -41.87 -18.88
CA CYS B 73 -25.09 -41.53 -20.29
C CYS B 73 -26.02 -40.35 -20.59
N ALA B 74 -26.97 -40.06 -19.70
CA ALA B 74 -27.92 -38.99 -19.93
C ALA B 74 -27.40 -37.63 -19.49
N ALA B 75 -26.28 -37.57 -18.78
CA ALA B 75 -25.70 -36.30 -18.39
C ALA B 75 -25.24 -35.53 -19.63
N PRO B 76 -25.28 -34.20 -19.59
CA PRO B 76 -25.66 -33.32 -18.49
C PRO B 76 -27.07 -32.75 -18.63
N ASN B 77 -28.07 -33.58 -18.93
CA ASN B 77 -29.44 -33.10 -19.10
C ASN B 77 -30.09 -32.95 -17.73
N GLU B 78 -30.58 -31.75 -17.42
CA GLU B 78 -31.12 -31.47 -16.09
C GLU B 78 -32.40 -32.24 -15.81
N GLY B 79 -33.13 -32.65 -16.84
CA GLY B 79 -34.33 -33.46 -16.64
C GLY B 79 -34.09 -34.94 -16.57
N PHE B 80 -32.86 -35.38 -16.80
CA PHE B 80 -32.50 -36.79 -16.84
C PHE B 80 -31.62 -37.21 -15.65
N CYS B 81 -31.65 -36.43 -14.57
CA CYS B 81 -30.79 -36.68 -13.42
C CYS B 81 -31.58 -37.31 -12.28
N SER B 82 -30.84 -37.88 -11.34
CA SER B 82 -31.43 -38.44 -10.12
C SER B 82 -31.62 -37.37 -9.06
N ALA B 83 -30.63 -36.50 -8.86
CA ALA B 83 -30.78 -35.42 -7.91
C ALA B 83 -29.97 -34.21 -8.36
N GLY B 84 -30.34 -33.04 -7.85
CA GLY B 84 -29.63 -31.81 -8.16
C GLY B 84 -29.91 -30.70 -7.15
N VAL B 85 -28.88 -29.91 -6.84
CA VAL B 85 -29.04 -28.81 -5.88
C VAL B 85 -28.14 -27.66 -6.30
N GLN B 86 -28.50 -26.46 -5.85
CA GLN B 86 -27.78 -25.25 -6.14
C GLN B 86 -27.05 -24.77 -4.89
N THR B 87 -25.75 -24.50 -5.02
CA THR B 87 -24.99 -23.88 -3.96
C THR B 87 -25.00 -22.36 -4.13
N GLU B 88 -24.44 -21.66 -3.15
CA GLU B 88 -24.41 -20.20 -3.21
C GLU B 88 -23.29 -19.71 -4.11
N ALA B 89 -22.14 -20.36 -4.07
CA ALA B 89 -20.97 -19.98 -4.86
C ALA B 89 -20.56 -21.14 -5.76
N GLY B 90 -19.55 -20.90 -6.59
CA GLY B 90 -19.07 -21.90 -7.49
C GLY B 90 -18.33 -23.02 -6.79
N VAL B 91 -18.33 -24.19 -7.43
CA VAL B 91 -17.65 -25.37 -6.93
C VAL B 91 -16.26 -25.41 -7.54
N ALA B 92 -15.22 -25.19 -6.72
CA ALA B 92 -13.86 -25.26 -7.23
C ALA B 92 -13.32 -26.68 -7.28
N ASP B 93 -13.86 -27.59 -6.47
CA ASP B 93 -13.43 -28.98 -6.40
C ASP B 93 -14.38 -29.72 -5.46
N LEU B 94 -14.50 -31.03 -5.67
CA LEU B 94 -15.31 -31.86 -4.80
C LEU B 94 -14.74 -33.27 -4.77
N THR B 95 -15.33 -34.10 -3.91
CA THR B 95 -14.96 -35.50 -3.80
C THR B 95 -16.06 -36.23 -3.02
N TRP B 96 -16.27 -37.50 -3.39
CA TRP B 96 -17.21 -38.33 -2.64
C TRP B 96 -16.71 -38.54 -1.22
N VAL B 97 -17.66 -38.62 -0.30
CA VAL B 97 -17.36 -38.99 1.08
C VAL B 97 -18.20 -40.22 1.43
N GLY B 98 -17.74 -41.38 1.00
CA GLY B 98 -18.51 -42.61 1.20
C GLY B 98 -19.45 -42.84 0.05
N GLU B 99 -20.70 -43.20 0.38
CA GLU B 99 -21.71 -43.48 -0.62
C GLU B 99 -22.77 -42.39 -0.74
N ARG B 100 -22.95 -41.57 0.28
CA ARG B 100 -23.93 -40.49 0.24
C ARG B 100 -23.35 -39.10 0.52
N GLY B 101 -22.12 -38.99 1.00
CA GLY B 101 -21.55 -37.70 1.32
C GLY B 101 -20.83 -37.06 0.14
N ILE B 102 -20.84 -35.74 0.09
CA ILE B 102 -20.19 -34.96 -0.96
C ILE B 102 -19.51 -33.77 -0.29
N LEU B 103 -18.19 -33.70 -0.39
CA LEU B 103 -17.43 -32.60 0.17
C LEU B 103 -17.10 -31.60 -0.93
N VAL B 104 -17.40 -30.33 -0.68
CA VAL B 104 -17.31 -29.28 -1.70
C VAL B 104 -16.41 -28.17 -1.18
N ALA B 105 -15.44 -27.79 -2.01
CA ALA B 105 -14.64 -26.59 -1.80
C ALA B 105 -15.30 -25.44 -2.56
N SER B 106 -15.66 -24.38 -1.85
CA SER B 106 -16.45 -23.29 -2.43
C SER B 106 -15.59 -22.07 -2.69
N ASP B 107 -16.05 -21.26 -3.66
CA ASP B 107 -15.38 -19.98 -3.93
C ASP B 107 -15.51 -19.03 -2.75
N SER B 108 -16.53 -19.21 -1.92
CA SER B 108 -16.80 -18.32 -0.80
C SER B 108 -15.81 -18.48 0.35
N GLY B 109 -14.83 -19.36 0.22
CA GLY B 109 -13.94 -19.65 1.32
C GLY B 109 -14.45 -20.73 2.26
N ALA B 110 -15.49 -21.46 1.86
CA ALA B 110 -16.12 -22.44 2.71
C ALA B 110 -15.80 -23.86 2.27
N VAL B 111 -15.81 -24.76 3.24
CA VAL B 111 -15.88 -26.20 3.00
C VAL B 111 -17.28 -26.64 3.42
N GLU B 112 -17.98 -27.34 2.54
CA GLU B 112 -19.35 -27.72 2.82
C GLU B 112 -19.56 -29.20 2.53
N LEU B 113 -20.14 -29.90 3.49
CA LEU B 113 -20.54 -31.30 3.33
C LEU B 113 -22.04 -31.34 3.05
N TRP B 114 -22.39 -31.93 1.91
CA TRP B 114 -23.77 -32.17 1.51
C TRP B 114 -24.02 -33.67 1.51
N GLU B 115 -25.08 -34.11 2.16
CA GLU B 115 -25.39 -35.53 2.22
C GLU B 115 -26.54 -35.86 1.28
N LEU B 116 -26.39 -36.97 0.57
CA LEU B 116 -27.39 -37.43 -0.38
C LEU B 116 -28.62 -37.96 0.35
N ASP B 117 -29.74 -38.01 -0.37
CA ASP B 117 -30.98 -38.49 0.19
C ASP B 117 -30.90 -40.00 0.43
N GLU B 118 -31.79 -40.50 1.30
CA GLU B 118 -31.89 -41.94 1.48
C GLU B 118 -32.63 -42.59 0.31
N ASN B 119 -33.58 -41.86 -0.30
CA ASN B 119 -34.12 -42.25 -1.60
C ASN B 119 -33.20 -41.83 -2.74
N GLU B 120 -32.12 -41.10 -2.43
CA GLU B 120 -31.19 -40.58 -3.44
C GLU B 120 -31.92 -39.71 -4.46
N THR B 121 -32.80 -38.84 -3.96
CA THR B 121 -33.53 -37.90 -4.81
C THR B 121 -33.31 -36.45 -4.40
N LEU B 122 -32.54 -36.19 -3.34
CA LEU B 122 -32.26 -34.85 -2.87
C LEU B 122 -30.83 -34.76 -2.34
N ILE B 123 -30.19 -33.63 -2.56
CA ILE B 123 -28.87 -33.34 -2.03
C ILE B 123 -29.05 -32.20 -1.02
N VAL B 124 -28.94 -32.53 0.27
CA VAL B 124 -29.18 -31.59 1.35
C VAL B 124 -27.86 -31.26 2.04
N SER B 125 -27.66 -29.98 2.34
CA SER B 125 -26.44 -29.54 3.00
C SER B 125 -26.41 -30.05 4.44
N LYS B 126 -25.25 -30.58 4.83
CA LYS B 126 -25.03 -31.03 6.21
C LYS B 126 -24.28 -29.98 7.02
N PHE B 127 -23.12 -29.53 6.53
CA PHE B 127 -22.47 -28.37 7.15
C PHE B 127 -21.86 -27.51 6.06
N CYS B 128 -21.60 -26.24 6.42
CA CYS B 128 -21.00 -25.28 5.49
C CYS B 128 -20.22 -24.27 6.34
N LYS B 129 -18.94 -24.55 6.54
CA LYS B 129 -18.11 -23.76 7.44
C LYS B 129 -17.17 -22.89 6.64
N TYR B 130 -17.17 -21.59 6.94
CA TYR B 130 -16.32 -20.61 6.27
C TYR B 130 -15.06 -20.44 7.12
N GLU B 131 -14.02 -21.19 6.77
CA GLU B 131 -12.77 -21.17 7.54
C GLU B 131 -11.59 -20.61 6.77
N HIS B 132 -11.67 -20.50 5.44
CA HIS B 132 -10.60 -19.95 4.64
C HIS B 132 -10.90 -18.51 4.27
N ASP B 133 -9.84 -17.70 4.20
CA ASP B 133 -9.95 -16.30 3.85
C ASP B 133 -9.90 -16.06 2.34
N ASP B 134 -9.99 -17.12 1.54
CA ASP B 134 -9.96 -17.00 0.09
C ASP B 134 -10.59 -18.26 -0.49
N ILE B 135 -10.53 -18.39 -1.82
CA ILE B 135 -11.17 -19.51 -2.50
C ILE B 135 -10.55 -20.82 -2.03
N VAL B 136 -11.41 -21.75 -1.64
CA VAL B 136 -10.97 -23.12 -1.36
C VAL B 136 -10.87 -23.86 -2.68
N SER B 137 -9.65 -24.25 -3.06
CA SER B 137 -9.39 -24.75 -4.41
C SER B 137 -9.22 -26.26 -4.49
N THR B 138 -9.05 -26.96 -3.37
CA THR B 138 -8.78 -28.39 -3.43
C THR B 138 -9.21 -29.04 -2.12
N VAL B 139 -9.83 -30.22 -2.24
CA VAL B 139 -10.23 -31.02 -1.09
C VAL B 139 -9.89 -32.47 -1.37
N SER B 140 -9.68 -33.24 -0.30
CA SER B 140 -9.34 -34.65 -0.43
C SER B 140 -9.70 -35.36 0.87
N VAL B 141 -10.42 -36.47 0.76
CA VAL B 141 -10.82 -37.25 1.92
C VAL B 141 -9.69 -38.19 2.30
N LEU B 142 -9.35 -38.25 3.58
CA LEU B 142 -8.30 -39.12 4.05
C LEU B 142 -8.78 -40.58 4.05
N SER B 143 -7.83 -41.49 4.21
CA SER B 143 -8.11 -42.92 4.01
C SER B 143 -9.17 -43.44 4.98
N SER B 144 -9.25 -42.86 6.19
CA SER B 144 -10.26 -43.29 7.15
C SER B 144 -11.67 -42.96 6.70
N GLY B 145 -11.84 -41.96 5.84
CA GLY B 145 -13.16 -41.55 5.40
C GLY B 145 -13.93 -40.70 6.39
N THR B 146 -13.31 -40.30 7.50
CA THR B 146 -13.94 -39.42 8.47
C THR B 146 -13.24 -38.09 8.59
N GLN B 147 -12.13 -37.88 7.88
CA GLN B 147 -11.39 -36.63 7.92
C GLN B 147 -11.01 -36.23 6.50
N ALA B 148 -10.73 -34.95 6.33
CA ALA B 148 -10.44 -34.39 5.01
C ALA B 148 -9.32 -33.36 5.12
N VAL B 149 -8.77 -33.00 3.96
CA VAL B 149 -7.73 -31.97 3.87
C VAL B 149 -8.14 -30.97 2.80
N SER B 150 -8.12 -29.69 3.15
CA SER B 150 -8.53 -28.62 2.25
C SER B 150 -7.37 -27.66 2.02
N GLY B 151 -7.23 -27.20 0.78
CA GLY B 151 -6.27 -26.19 0.44
C GLY B 151 -6.96 -25.01 -0.21
N SER B 152 -6.39 -23.82 -0.02
CA SER B 152 -7.04 -22.59 -0.48
C SER B 152 -6.00 -21.62 -1.01
N LYS B 153 -6.50 -20.58 -1.67
CA LYS B 153 -5.65 -19.48 -2.11
C LYS B 153 -5.20 -18.59 -0.95
N ASP B 154 -5.74 -18.80 0.25
CA ASP B 154 -5.23 -18.15 1.45
C ASP B 154 -3.93 -18.77 1.97
N ILE B 155 -3.37 -19.73 1.20
CA ILE B 155 -2.01 -20.25 1.38
C ILE B 155 -1.97 -21.32 2.49
N CYS B 156 -3.07 -21.50 3.21
CA CYS B 156 -3.15 -22.44 4.31
CA CYS B 156 -3.09 -22.46 4.29
C CYS B 156 -3.81 -23.75 3.88
N ILE B 157 -3.46 -24.81 4.60
CA ILE B 157 -4.07 -26.12 4.46
C ILE B 157 -4.72 -26.46 5.80
N LYS B 158 -5.87 -27.11 5.76
CA LYS B 158 -6.62 -27.39 6.98
C LYS B 158 -7.08 -28.84 7.00
N VAL B 159 -7.00 -29.45 8.18
CA VAL B 159 -7.49 -30.82 8.42
C VAL B 159 -8.85 -30.72 9.07
N TRP B 160 -9.82 -31.45 8.53
CA TRP B 160 -11.21 -31.38 8.93
C TRP B 160 -11.65 -32.71 9.52
N ASP B 161 -12.32 -32.66 10.68
CA ASP B 161 -13.03 -33.80 11.23
C ASP B 161 -14.49 -33.66 10.79
N LEU B 162 -14.89 -34.47 9.81
CA LEU B 162 -16.21 -34.34 9.21
C LEU B 162 -17.33 -34.69 10.18
N ALA B 163 -17.05 -35.49 11.21
CA ALA B 163 -18.08 -35.85 12.18
C ALA B 163 -18.39 -34.68 13.10
N GLN B 164 -17.35 -34.08 13.69
CA GLN B 164 -17.52 -32.93 14.58
C GLN B 164 -17.61 -31.61 13.81
N GLN B 165 -17.55 -31.66 12.49
CA GLN B 165 -17.71 -30.48 11.63
CA GLN B 165 -17.69 -30.49 11.61
C GLN B 165 -16.86 -29.31 12.11
N VAL B 166 -15.62 -29.60 12.52
CA VAL B 166 -14.69 -28.58 12.99
C VAL B 166 -13.33 -28.81 12.33
N VAL B 167 -12.45 -27.83 12.49
CA VAL B 167 -11.10 -27.90 11.96
C VAL B 167 -10.18 -28.44 13.05
N LEU B 168 -9.48 -29.54 12.75
CA LEU B 168 -8.57 -30.13 13.73
C LEU B 168 -7.24 -29.38 13.76
N SER B 169 -6.66 -29.10 12.60
CA SER B 169 -5.39 -28.42 12.51
C SER B 169 -5.40 -27.49 11.31
N SER B 170 -4.62 -26.41 11.41
CA SER B 170 -4.47 -25.43 10.34
C SER B 170 -2.99 -25.14 10.15
N TYR B 171 -2.44 -25.57 9.03
CA TYR B 171 -1.03 -25.40 8.72
C TYR B 171 -0.83 -24.30 7.68
N ARG B 172 0.25 -23.54 7.82
CA ARG B 172 0.66 -22.54 6.83
C ARG B 172 2.12 -22.82 6.47
N ALA B 173 2.32 -23.88 5.69
CA ALA B 173 3.67 -24.26 5.28
C ALA B 173 4.07 -23.63 3.95
N HIS B 174 3.11 -23.38 3.07
CA HIS B 174 3.43 -22.82 1.76
C HIS B 174 3.57 -21.30 1.83
N ALA B 175 4.09 -20.73 0.74
CA ALA B 175 4.25 -19.30 0.62
C ALA B 175 3.39 -18.71 -0.49
N ALA B 176 2.59 -19.52 -1.18
CA ALA B 176 1.70 -19.07 -2.23
C ALA B 176 0.43 -19.91 -2.17
N GLN B 177 -0.47 -19.67 -3.12
CA GLN B 177 -1.75 -20.38 -3.14
C GLN B 177 -1.54 -21.87 -3.36
N VAL B 178 -2.26 -22.68 -2.60
CA VAL B 178 -2.14 -24.14 -2.65
C VAL B 178 -2.92 -24.63 -3.86
N THR B 179 -2.22 -25.22 -4.82
CA THR B 179 -2.87 -25.67 -6.04
C THR B 179 -3.60 -27.00 -5.83
N CYS B 180 -2.98 -27.93 -5.08
CA CYS B 180 -3.56 -29.26 -4.96
C CYS B 180 -3.20 -29.88 -3.62
N VAL B 181 -4.13 -30.64 -3.05
CA VAL B 181 -3.87 -31.55 -1.95
C VAL B 181 -4.49 -32.89 -2.31
N ALA B 182 -3.85 -33.96 -1.84
CA ALA B 182 -4.27 -35.31 -2.18
C ALA B 182 -3.92 -36.25 -1.04
N ALA B 183 -4.94 -36.81 -0.40
CA ALA B 183 -4.71 -37.72 0.71
C ALA B 183 -4.11 -39.02 0.22
N SER B 184 -3.23 -39.60 1.04
CA SER B 184 -2.72 -40.93 0.76
C SER B 184 -3.86 -41.94 0.87
N PRO B 185 -3.89 -42.95 -0.01
CA PRO B 185 -5.05 -43.86 -0.03
C PRO B 185 -5.13 -44.80 1.16
N HIS B 186 -4.07 -44.95 1.94
CA HIS B 186 -4.06 -45.98 2.97
C HIS B 186 -3.61 -45.46 4.32
N LYS B 187 -2.75 -44.44 4.33
CA LYS B 187 -2.25 -43.85 5.57
C LYS B 187 -3.11 -42.64 5.91
N ASP B 188 -3.76 -42.68 7.08
CA ASP B 188 -4.72 -41.66 7.45
C ASP B 188 -4.07 -40.32 7.78
N SER B 189 -2.79 -40.31 8.13
CA SER B 189 -2.10 -39.09 8.54
C SER B 189 -1.11 -38.61 7.49
N VAL B 190 -1.20 -39.12 6.26
CA VAL B 190 -0.25 -38.80 5.20
C VAL B 190 -1.02 -38.20 4.02
N PHE B 191 -0.52 -37.08 3.51
CA PHE B 191 -1.10 -36.49 2.30
C PHE B 191 -0.08 -35.61 1.61
N LEU B 192 -0.32 -35.34 0.34
CA LEU B 192 0.55 -34.51 -0.48
C LEU B 192 -0.09 -33.16 -0.73
N SER B 193 0.75 -32.13 -0.88
CA SER B 193 0.30 -30.81 -1.26
C SER B 193 1.29 -30.21 -2.26
N CYS B 194 0.76 -29.33 -3.12
CA CYS B 194 1.60 -28.60 -4.05
C CYS B 194 1.00 -27.22 -4.26
N SER B 195 1.88 -26.22 -4.31
CA SER B 195 1.48 -24.82 -4.34
C SER B 195 2.34 -24.06 -5.32
N GLU B 196 1.99 -22.79 -5.53
CA GLU B 196 2.69 -21.95 -6.48
C GLU B 196 4.03 -21.44 -5.96
N ASP B 197 4.40 -21.78 -4.73
CA ASP B 197 5.74 -21.51 -4.25
C ASP B 197 6.74 -22.55 -4.72
N ASN B 198 6.36 -23.36 -5.72
CA ASN B 198 7.19 -24.40 -6.31
C ASN B 198 7.55 -25.51 -5.30
N ARG B 199 6.75 -25.66 -4.26
CA ARG B 199 6.97 -26.67 -3.24
C ARG B 199 5.99 -27.82 -3.40
N ILE B 200 6.52 -29.04 -3.32
CA ILE B 200 5.70 -30.24 -3.16
C ILE B 200 6.02 -30.81 -1.78
N LEU B 201 4.99 -30.98 -0.96
CA LEU B 201 5.17 -31.33 0.44
C LEU B 201 4.47 -32.66 0.74
N LEU B 202 5.24 -33.59 1.30
CA LEU B 202 4.69 -34.81 1.88
C LEU B 202 4.42 -34.56 3.36
N TRP B 203 3.22 -34.90 3.80
CA TRP B 203 2.73 -34.56 5.12
C TRP B 203 2.47 -35.84 5.89
N ASP B 204 3.13 -35.99 7.03
CA ASP B 204 2.82 -37.00 8.02
C ASP B 204 2.55 -36.25 9.33
N THR B 205 1.28 -36.10 9.68
CA THR B 205 0.90 -35.33 10.87
C THR B 205 1.35 -35.99 12.18
N ARG B 206 2.10 -37.09 12.13
CA ARG B 206 2.67 -37.71 13.33
C ARG B 206 3.98 -37.06 13.76
N CYS B 207 4.58 -36.22 12.91
CA CYS B 207 5.84 -35.58 13.22
C CYS B 207 5.61 -34.15 13.71
N PRO B 208 6.44 -33.68 14.64
CA PRO B 208 6.35 -32.27 15.07
C PRO B 208 6.44 -31.29 13.91
N LYS B 209 7.20 -31.61 12.87
CA LYS B 209 7.18 -30.85 11.62
C LYS B 209 6.59 -31.75 10.54
N PRO B 210 5.30 -31.63 10.24
CA PRO B 210 4.65 -32.62 9.37
C PRO B 210 5.11 -32.56 7.92
N ALA B 211 5.53 -31.39 7.44
CA ALA B 211 5.81 -31.22 6.02
C ALA B 211 7.25 -31.59 5.69
N SER B 212 7.44 -32.22 4.53
CA SER B 212 8.76 -32.55 4.02
C SER B 212 8.80 -32.23 2.54
N GLN B 213 9.85 -31.51 2.12
CA GLN B 213 9.95 -31.00 0.76
C GLN B 213 10.56 -32.04 -0.16
N ILE B 214 9.91 -32.30 -1.29
CA ILE B 214 10.34 -33.29 -2.26
C ILE B 214 10.71 -32.55 -3.54
N GLY B 215 12.00 -32.29 -3.74
CA GLY B 215 12.47 -31.66 -4.95
C GLY B 215 12.87 -32.66 -6.02
N PRO B 219 14.56 -26.38 -8.75
CA PRO B 219 13.29 -25.70 -9.04
C PRO B 219 13.05 -25.52 -10.53
N GLY B 220 12.03 -26.20 -11.06
CA GLY B 220 11.72 -26.09 -12.47
C GLY B 220 10.47 -25.29 -12.74
N TYR B 221 9.34 -25.97 -12.89
CA TYR B 221 8.05 -25.33 -13.15
C TYR B 221 7.07 -25.70 -12.05
N LEU B 222 6.05 -24.86 -11.88
CA LEU B 222 5.16 -24.99 -10.75
C LEU B 222 4.34 -26.28 -10.84
N PRO B 223 4.20 -27.03 -9.74
CA PRO B 223 3.36 -28.22 -9.77
C PRO B 223 1.88 -27.88 -9.64
N THR B 224 1.05 -28.60 -10.37
CA THR B 224 -0.38 -28.29 -10.42
C THR B 224 -1.28 -29.47 -10.05
N SER B 225 -0.90 -30.70 -10.37
CA SER B 225 -1.73 -31.86 -10.11
C SER B 225 -0.92 -32.92 -9.38
N LEU B 226 -1.60 -33.66 -8.49
CA LEU B 226 -0.99 -34.71 -7.71
C LEU B 226 -1.89 -35.94 -7.72
N ALA B 227 -1.29 -37.11 -7.89
CA ALA B 227 -2.03 -38.37 -7.91
C ALA B 227 -1.16 -39.46 -7.29
N TRP B 228 -1.59 -39.97 -6.14
CA TRP B 228 -0.92 -41.11 -5.53
C TRP B 228 -1.04 -42.33 -6.43
N HIS B 229 -0.04 -43.22 -6.34
CA HIS B 229 -0.17 -44.51 -7.01
C HIS B 229 -1.11 -45.40 -6.21
N PRO B 230 -2.06 -46.08 -6.86
CA PRO B 230 -3.07 -46.81 -6.09
C PRO B 230 -2.54 -48.02 -5.35
N GLN B 231 -1.43 -48.62 -5.82
CA GLN B 231 -0.89 -49.82 -5.19
C GLN B 231 0.37 -49.53 -4.36
N GLN B 232 1.36 -48.87 -4.94
CA GLN B 232 2.58 -48.54 -4.23
C GLN B 232 2.34 -47.29 -3.38
N SER B 233 2.22 -47.48 -2.07
CA SER B 233 1.90 -46.40 -1.12
C SER B 233 3.04 -45.40 -0.93
N GLU B 234 4.11 -45.46 -1.73
CA GLU B 234 5.20 -44.50 -1.65
C GLU B 234 5.57 -43.92 -3.01
N VAL B 235 4.75 -44.17 -4.03
CA VAL B 235 4.96 -43.62 -5.37
C VAL B 235 3.79 -42.73 -5.71
N PHE B 236 4.06 -41.59 -6.34
CA PHE B 236 3.00 -40.72 -6.83
C PHE B 236 3.44 -40.12 -8.16
N VAL B 237 2.55 -39.34 -8.77
CA VAL B 237 2.85 -38.64 -10.01
C VAL B 237 2.37 -37.20 -9.88
N PHE B 238 3.11 -36.29 -10.52
CA PHE B 238 2.73 -34.88 -10.49
C PHE B 238 2.90 -34.27 -11.87
N GLY B 239 1.94 -33.42 -12.25
CA GLY B 239 2.03 -32.65 -13.47
C GLY B 239 2.38 -31.22 -13.15
N ASP B 240 3.03 -30.56 -14.10
CA ASP B 240 3.43 -29.17 -13.91
C ASP B 240 2.69 -28.27 -14.90
N GLU B 241 2.83 -26.95 -14.69
CA GLU B 241 2.20 -25.95 -15.53
C GLU B 241 2.72 -25.95 -16.96
N ASN B 242 3.80 -26.66 -17.23
CA ASN B 242 4.41 -26.70 -18.55
C ASN B 242 3.98 -27.91 -19.38
N GLY B 243 3.10 -28.75 -18.83
CA GLY B 243 2.61 -29.91 -19.57
C GLY B 243 3.36 -31.20 -19.34
N THR B 244 4.26 -31.25 -18.36
CA THR B 244 5.05 -32.43 -18.08
C THR B 244 4.43 -33.23 -16.93
N VAL B 245 4.42 -34.55 -17.09
CA VAL B 245 4.00 -35.48 -16.04
C VAL B 245 5.21 -36.28 -15.60
N SER B 246 5.45 -36.30 -14.30
CA SER B 246 6.61 -37.00 -13.74
C SER B 246 6.15 -37.97 -12.67
N LEU B 247 6.92 -39.05 -12.51
CA LEU B 247 6.65 -40.11 -11.54
C LEU B 247 7.73 -40.08 -10.48
N VAL B 248 7.32 -40.05 -9.21
CA VAL B 248 8.21 -39.84 -8.08
C VAL B 248 8.10 -41.00 -7.10
N ASP B 249 9.25 -41.54 -6.70
CA ASP B 249 9.36 -42.53 -5.63
C ASP B 249 9.81 -41.79 -4.38
N THR B 250 8.96 -41.78 -3.34
CA THR B 250 9.21 -40.94 -2.18
C THR B 250 10.43 -41.37 -1.40
N LYS B 251 10.94 -42.58 -1.63
CA LYS B 251 12.15 -43.01 -0.93
C LYS B 251 13.36 -42.20 -1.37
N SER B 252 13.47 -41.92 -2.67
CA SER B 252 14.60 -41.19 -3.24
C SER B 252 14.08 -39.95 -3.94
N THR B 253 14.46 -38.78 -3.43
CA THR B 253 13.98 -37.52 -4.00
C THR B 253 14.59 -37.28 -5.39
N SER B 254 14.11 -38.02 -6.39
CA SER B 254 14.59 -37.89 -7.75
C SER B 254 13.52 -38.43 -8.69
N CYS B 255 13.31 -37.73 -9.80
CA CYS B 255 12.29 -38.13 -10.78
C CYS B 255 12.72 -39.43 -11.45
N VAL B 256 11.99 -40.51 -11.18
CA VAL B 256 12.29 -41.79 -11.81
C VAL B 256 12.06 -41.71 -13.30
N LEU B 257 11.06 -40.95 -13.72
CA LEU B 257 10.72 -40.82 -15.12
C LEU B 257 9.82 -39.60 -15.29
N SER B 258 9.84 -39.05 -16.50
CA SER B 258 9.01 -37.89 -16.82
C SER B 258 8.79 -37.84 -18.32
N SER B 259 7.71 -37.18 -18.71
CA SER B 259 7.39 -37.05 -20.13
C SER B 259 6.55 -35.80 -20.36
N ALA B 260 6.83 -35.10 -21.45
CA ALA B 260 6.02 -33.96 -21.88
C ALA B 260 4.78 -34.51 -22.57
N VAL B 261 3.65 -34.51 -21.86
CA VAL B 261 2.42 -35.10 -22.34
C VAL B 261 1.51 -34.06 -22.97
N HIS B 262 1.44 -32.87 -22.37
CA HIS B 262 0.58 -31.80 -22.86
C HIS B 262 1.42 -30.58 -23.21
N SER B 263 0.81 -29.69 -24.00
CA SER B 263 1.42 -28.40 -24.32
C SER B 263 1.11 -27.32 -23.30
N GLN B 264 0.10 -27.52 -22.46
CA GLN B 264 -0.24 -26.54 -21.43
C GLN B 264 -0.37 -27.19 -20.05
N CYS B 265 -0.82 -26.41 -19.06
CA CYS B 265 -0.85 -26.86 -17.68
C CYS B 265 -1.61 -28.16 -17.52
N VAL B 266 -1.01 -29.10 -16.79
CA VAL B 266 -1.66 -30.37 -16.47
C VAL B 266 -2.52 -30.16 -15.24
N THR B 267 -3.84 -30.15 -15.43
CA THR B 267 -4.76 -29.78 -14.37
C THR B 267 -5.22 -30.96 -13.51
N GLY B 268 -5.06 -32.19 -14.00
CA GLY B 268 -5.51 -33.33 -13.23
C GLY B 268 -4.83 -34.62 -13.66
N LEU B 269 -4.78 -35.56 -12.72
CA LEU B 269 -4.21 -36.88 -12.96
C LEU B 269 -5.04 -37.90 -12.18
N VAL B 270 -5.57 -38.90 -12.88
CA VAL B 270 -6.42 -39.91 -12.28
C VAL B 270 -5.97 -41.28 -12.75
N PHE B 271 -5.76 -42.20 -11.82
CA PHE B 271 -5.39 -43.57 -12.14
C PHE B 271 -6.63 -44.42 -12.39
N SER B 272 -6.47 -45.43 -13.24
CA SER B 272 -7.55 -46.35 -13.56
C SER B 272 -7.68 -47.41 -12.48
N PRO B 273 -8.84 -48.09 -12.40
CA PRO B 273 -9.03 -49.13 -11.39
C PRO B 273 -8.40 -50.47 -11.74
N HIS B 274 -7.67 -50.57 -12.85
CA HIS B 274 -7.11 -51.84 -13.27
C HIS B 274 -6.13 -52.38 -12.22
N SER B 275 -5.85 -53.69 -12.33
CA SER B 275 -4.84 -54.31 -11.49
C SER B 275 -3.50 -53.59 -11.64
N VAL B 276 -3.07 -53.39 -12.87
CA VAL B 276 -1.98 -52.48 -13.22
C VAL B 276 -2.60 -51.25 -13.87
N PRO B 277 -2.68 -50.12 -13.16
CA PRO B 277 -3.52 -49.02 -13.63
C PRO B 277 -2.91 -48.24 -14.78
N PHE B 278 -3.78 -47.56 -15.51
CA PHE B 278 -3.39 -46.55 -16.49
C PHE B 278 -3.55 -45.17 -15.88
N LEU B 279 -2.83 -44.20 -16.43
CA LEU B 279 -2.80 -42.85 -15.90
C LEU B 279 -3.49 -41.90 -16.88
N ALA B 280 -4.59 -41.30 -16.44
CA ALA B 280 -5.33 -40.33 -17.22
C ALA B 280 -4.87 -38.92 -16.84
N SER B 281 -4.50 -38.13 -17.85
CA SER B 281 -4.03 -36.77 -17.66
C SER B 281 -4.90 -35.82 -18.45
N LEU B 282 -5.40 -34.79 -17.77
CA LEU B 282 -6.19 -33.74 -18.39
C LEU B 282 -5.46 -32.41 -18.26
N SER B 283 -5.67 -31.52 -19.23
CA SER B 283 -4.88 -30.31 -19.29
C SER B 283 -5.70 -29.15 -19.86
N GLU B 284 -5.12 -27.95 -19.77
CA GLU B 284 -5.71 -26.76 -20.35
C GLU B 284 -5.55 -26.69 -21.87
N ASP B 285 -4.77 -27.59 -22.46
CA ASP B 285 -4.70 -27.69 -23.92
C ASP B 285 -5.91 -28.42 -24.51
N CYS B 286 -6.92 -28.70 -23.69
CA CYS B 286 -8.20 -29.25 -24.11
C CYS B 286 -8.09 -30.71 -24.56
N SER B 287 -7.00 -31.39 -24.24
CA SER B 287 -6.80 -32.77 -24.64
C SER B 287 -6.76 -33.68 -23.42
N LEU B 288 -7.22 -34.92 -23.62
CA LEU B 288 -7.12 -35.97 -22.63
C LEU B 288 -6.09 -37.00 -23.11
N ALA B 289 -5.26 -37.49 -22.19
CA ALA B 289 -4.26 -38.49 -22.52
C ALA B 289 -4.36 -39.66 -21.54
N VAL B 290 -4.09 -40.85 -22.03
CA VAL B 290 -4.03 -42.06 -21.23
C VAL B 290 -2.68 -42.71 -21.47
N LEU B 291 -1.85 -42.76 -20.42
CA LEU B 291 -0.50 -43.29 -20.41
C LEU B 291 -0.45 -44.58 -19.60
N ASP B 292 0.68 -45.28 -19.72
CA ASP B 292 0.89 -46.55 -19.06
C ASP B 292 1.81 -46.40 -17.84
N SER B 293 2.42 -47.51 -17.42
CA SER B 293 3.29 -47.49 -16.25
C SER B 293 4.56 -46.68 -16.51
N SER B 294 5.08 -46.70 -17.74
CA SER B 294 6.26 -45.96 -18.11
C SER B 294 5.93 -44.63 -18.79
N LEU B 295 4.72 -44.10 -18.56
CA LEU B 295 4.31 -42.79 -19.06
C LEU B 295 4.32 -42.71 -20.59
N SER B 296 4.11 -43.85 -21.25
CA SER B 296 3.97 -43.88 -22.70
C SER B 296 2.50 -43.76 -23.08
N GLU B 297 2.23 -42.92 -24.08
CA GLU B 297 0.85 -42.58 -24.44
C GLU B 297 0.16 -43.73 -25.17
N LEU B 298 -0.99 -44.14 -24.66
CA LEU B 298 -1.84 -45.12 -25.32
C LEU B 298 -3.12 -44.55 -25.89
N PHE B 299 -3.62 -43.46 -25.31
CA PHE B 299 -4.85 -42.85 -25.81
C PHE B 299 -4.73 -41.34 -25.81
N ARG B 300 -5.31 -40.71 -26.83
CA ARG B 300 -5.30 -39.25 -26.96
C ARG B 300 -6.65 -38.80 -27.52
N SER B 301 -7.28 -37.85 -26.85
CA SER B 301 -8.62 -37.39 -27.21
C SER B 301 -8.64 -35.87 -27.27
N GLN B 302 -9.23 -35.32 -28.32
CA GLN B 302 -9.47 -33.89 -28.45
C GLN B 302 -10.96 -33.60 -28.61
N ALA B 303 -11.80 -34.45 -28.02
CA ALA B 303 -13.25 -34.27 -28.13
C ALA B 303 -13.73 -33.01 -27.43
N HIS B 304 -12.94 -32.47 -26.51
CA HIS B 304 -13.32 -31.27 -25.79
C HIS B 304 -12.86 -30.02 -26.53
N ARG B 305 -13.66 -28.96 -26.43
CA ARG B 305 -13.37 -27.68 -27.08
C ARG B 305 -12.97 -26.60 -26.08
N ASP B 306 -12.93 -26.91 -24.79
CA ASP B 306 -12.45 -26.00 -23.77
C ASP B 306 -11.63 -26.80 -22.77
N PHE B 307 -11.33 -26.20 -21.62
CA PHE B 307 -10.48 -26.83 -20.63
C PHE B 307 -11.09 -28.13 -20.13
N VAL B 308 -10.29 -29.19 -20.09
CA VAL B 308 -10.70 -30.47 -19.52
C VAL B 308 -10.43 -30.41 -18.02
N ARG B 309 -11.49 -30.62 -17.22
CA ARG B 309 -11.42 -30.33 -15.79
C ARG B 309 -11.37 -31.56 -14.90
N ASP B 310 -11.95 -32.68 -15.32
CA ASP B 310 -11.91 -33.87 -14.49
C ASP B 310 -12.21 -35.10 -15.34
N ALA B 311 -11.63 -36.22 -14.92
CA ALA B 311 -11.83 -37.51 -15.54
C ALA B 311 -12.02 -38.56 -14.45
N THR B 312 -12.92 -39.50 -14.70
CA THR B 312 -13.26 -40.54 -13.74
C THR B 312 -13.51 -41.85 -14.46
N TRP B 313 -12.99 -42.93 -13.91
CA TRP B 313 -13.10 -44.24 -14.54
C TRP B 313 -14.34 -44.96 -14.03
N SER B 314 -15.00 -45.67 -14.93
CA SER B 314 -16.19 -46.43 -14.58
C SER B 314 -15.81 -47.65 -13.74
N PRO B 315 -16.38 -47.82 -12.54
CA PRO B 315 -16.09 -49.05 -11.77
C PRO B 315 -16.74 -50.28 -12.37
N LEU B 316 -17.68 -50.11 -13.30
CA LEU B 316 -18.35 -51.24 -13.94
C LEU B 316 -17.67 -51.66 -15.23
N ASN B 317 -17.04 -50.72 -15.94
CA ASN B 317 -16.33 -51.02 -17.18
C ASN B 317 -15.00 -50.26 -17.10
N HIS B 318 -13.93 -50.99 -16.83
CA HIS B 318 -12.63 -50.34 -16.59
C HIS B 318 -12.06 -49.66 -17.83
N SER B 319 -12.57 -49.97 -19.01
CA SER B 319 -12.14 -49.29 -20.23
C SER B 319 -12.92 -48.01 -20.50
N LEU B 320 -13.89 -47.66 -19.65
CA LEU B 320 -14.70 -46.47 -19.84
C LEU B 320 -14.17 -45.34 -18.98
N LEU B 321 -13.93 -44.18 -19.59
CA LEU B 321 -13.40 -43.01 -18.90
C LEU B 321 -14.27 -41.81 -19.23
N THR B 322 -14.88 -41.22 -18.21
CA THR B 322 -15.78 -40.08 -18.40
C THR B 322 -15.06 -38.80 -18.05
N THR B 323 -14.99 -37.88 -19.01
CA THR B 323 -14.35 -36.58 -18.82
C THR B 323 -15.37 -35.47 -18.92
N VAL B 324 -15.12 -34.38 -18.20
CA VAL B 324 -15.94 -33.18 -18.28
C VAL B 324 -15.05 -31.99 -18.60
N GLY B 325 -15.65 -30.97 -19.23
CA GLY B 325 -14.92 -29.79 -19.62
C GLY B 325 -15.79 -28.56 -19.57
N TRP B 326 -15.14 -27.39 -19.66
CA TRP B 326 -15.86 -26.12 -19.62
C TRP B 326 -16.72 -25.88 -20.85
N ASP B 327 -16.58 -26.70 -21.89
CA ASP B 327 -17.50 -26.67 -23.02
C ASP B 327 -18.83 -27.35 -22.72
N HIS B 328 -19.06 -27.70 -21.46
CA HIS B 328 -20.27 -28.36 -20.98
C HIS B 328 -20.43 -29.76 -21.58
N GLN B 329 -19.33 -30.39 -21.97
CA GLN B 329 -19.38 -31.73 -22.55
C GLN B 329 -19.09 -32.77 -21.48
N VAL B 330 -19.87 -33.84 -21.50
CA VAL B 330 -19.62 -35.03 -20.69
C VAL B 330 -19.33 -36.15 -21.68
N VAL B 331 -18.05 -36.46 -21.86
CA VAL B 331 -17.62 -37.40 -22.89
C VAL B 331 -17.29 -38.74 -22.24
N HIS B 332 -17.73 -39.83 -22.87
CA HIS B 332 -17.45 -41.19 -22.43
C HIS B 332 -16.49 -41.83 -23.43
N HIS B 333 -15.25 -42.06 -23.02
CA HIS B 333 -14.20 -42.61 -23.86
C HIS B 333 -14.03 -44.10 -23.61
N VAL B 334 -13.68 -44.82 -24.67
CA VAL B 334 -13.42 -46.25 -24.63
C VAL B 334 -11.91 -46.40 -24.76
N VAL B 335 -11.22 -46.55 -23.63
CA VAL B 335 -9.76 -46.63 -23.63
C VAL B 335 -9.35 -48.06 -23.97
N PRO B 336 -8.44 -48.25 -24.94
CA PRO B 336 -7.91 -49.58 -25.28
C PRO B 336 -7.00 -50.14 -24.19
#